data_8OXG
#
_entry.id   8OXG
#
_cell.length_a   119.050
_cell.length_b   101.127
_cell.length_c   83.737
_cell.angle_alpha   90.000
_cell.angle_beta   98.755
_cell.angle_gamma   90.000
#
_symmetry.space_group_name_H-M   'C 1 2 1'
#
loop_
_entity.id
_entity.type
_entity.pdbx_description
1 polymer 'Methionine aminopeptidase 2'
2 non-polymer '[(1~{R},2~{S},3~{S},4~{R})-2-methoxy-4-methyl-3-[(2~{R},3~{S})-2-methyl-3-(3-methylbut-2-enyl)oxiran-2-yl]-4-oxidanyl-cyclohexyl] ~{N}-(4-azanylcyclohexyl)carbamate'
3 non-polymer 'MANGANESE (II) ION'
4 water water
#
_entity_poly.entity_id   1
_entity_poly.type   'polypeptide(L)'
_entity_poly.pdbx_seq_one_letter_code
;MHHHHHHENLYFQGPKVQTDPPSVPICDLYPNGVFPKGQECEYPPTQDGRTAAWRTTSEEKKALDQASEEIWNDFREAAE
AHRQVRKYVMSWIKPGMTMIEICEKLEDCSRKLIKENGLNAGLAFPTGCSLNNCAAHYTPNAGDTTVLQYDDICKIDFGT
HISGRIIDCAFTVTFNPKYDTLLKAVKDATNTGIKCAGIDVRLCDVGEAIQEVMESYEVEIDGKTYQVKPIRNLNGHSIG
QYRIHAGKTVPIVKGGEATRMEEGEVYAIETFGSTGKGVVHDDMECSHYMKNFDVGHVPIRLPRTKHLLNVINENFGTLA
FCRRWLDRLGESKYLMALKNLCDLGIVDPYPPLCDIKGSYTAQFEHTILLRPTCKEVVSRGDDY
;
_entity_poly.pdbx_strand_id   A,B
#
# COMPACT_ATOMS: atom_id res chain seq x y z
N VAL A 17 9.99 2.23 -12.87
CA VAL A 17 11.35 2.36 -12.23
C VAL A 17 11.26 3.32 -11.04
N GLN A 18 12.11 3.06 -10.03
CA GLN A 18 12.05 3.82 -8.80
C GLN A 18 12.62 5.23 -9.05
N THR A 19 12.04 6.24 -8.37
CA THR A 19 12.55 7.60 -8.42
C THR A 19 13.77 7.74 -7.49
N ASP A 20 14.43 8.89 -7.69
CA ASP A 20 15.58 9.27 -6.90
C ASP A 20 15.31 10.72 -6.51
N PRO A 21 14.82 11.03 -5.27
CA PRO A 21 14.75 10.08 -4.16
C PRO A 21 13.59 9.10 -4.34
N PRO A 22 13.59 7.89 -3.72
CA PRO A 22 12.50 6.92 -3.88
C PRO A 22 11.13 7.47 -3.50
N SER A 23 10.14 7.24 -4.38
CA SER A 23 8.77 7.66 -4.09
C SER A 23 7.71 6.68 -4.57
N VAL A 24 8.12 5.70 -5.40
CA VAL A 24 7.22 4.72 -5.99
C VAL A 24 7.10 3.53 -5.03
N PRO A 25 5.86 3.14 -4.71
CA PRO A 25 5.63 2.05 -3.75
C PRO A 25 6.11 0.75 -4.34
N ILE A 26 6.63 -0.11 -3.43
CA ILE A 26 7.09 -1.41 -3.84
C ILE A 26 5.97 -2.14 -4.60
N CYS A 27 4.71 -2.05 -4.09
CA CYS A 27 3.58 -2.75 -4.67
C CYS A 27 3.37 -2.35 -6.16
N ASP A 28 3.88 -1.20 -6.61
CA ASP A 28 3.71 -0.75 -7.98
C ASP A 28 4.99 -0.98 -8.80
N LEU A 29 6.03 -1.57 -8.16
CA LEU A 29 7.31 -1.75 -8.86
C LEU A 29 7.41 -3.17 -9.38
N TYR A 30 6.54 -4.08 -8.99
CA TYR A 30 6.75 -5.47 -9.31
C TYR A 30 5.46 -6.00 -9.95
N PRO A 31 5.65 -6.64 -11.16
CA PRO A 31 4.57 -7.24 -11.94
C PRO A 31 3.78 -8.19 -11.02
N ASN A 32 2.50 -7.81 -10.83
CA ASN A 32 1.50 -8.61 -10.19
C ASN A 32 1.81 -8.79 -8.71
N GLY A 33 2.59 -7.83 -8.15
CA GLY A 33 2.91 -7.80 -6.73
C GLY A 33 3.55 -9.10 -6.24
N VAL A 34 4.47 -9.71 -7.07
CA VAL A 34 5.32 -10.83 -6.68
C VAL A 34 6.71 -10.27 -6.42
N PHE A 35 7.16 -10.35 -5.14
CA PHE A 35 8.32 -9.57 -4.71
C PHE A 35 9.55 -10.48 -4.63
N PRO A 36 10.76 -9.90 -4.82
CA PRO A 36 12.02 -10.64 -4.81
C PRO A 36 12.23 -11.46 -3.54
N LYS A 37 12.68 -12.72 -3.73
CA LYS A 37 13.11 -13.58 -2.65
C LYS A 37 14.40 -13.04 -2.05
N GLY A 38 14.60 -13.26 -0.74
CA GLY A 38 15.87 -12.96 -0.11
C GLY A 38 16.83 -14.13 -0.39
N GLN A 39 17.95 -14.15 0.37
CA GLN A 39 18.90 -15.26 0.29
C GLN A 39 18.26 -16.53 0.81
N GLU A 40 18.28 -17.60 -0.02
CA GLU A 40 17.78 -18.88 0.39
C GLU A 40 18.98 -19.81 0.70
N CYS A 41 18.87 -20.59 1.76
CA CYS A 41 20.00 -21.34 2.31
C CYS A 41 19.48 -22.71 2.63
N GLU A 42 20.26 -23.76 2.35
CA GLU A 42 20.01 -25.05 2.97
C GLU A 42 20.10 -24.95 4.50
N TYR A 43 19.28 -25.74 5.21
CA TYR A 43 19.33 -25.81 6.66
C TYR A 43 20.67 -26.38 7.11
N PRO A 44 21.19 -25.91 8.26
CA PRO A 44 22.38 -26.49 8.87
C PRO A 44 21.99 -27.78 9.60
N PRO A 45 22.96 -28.70 9.85
CA PRO A 45 22.65 -29.89 10.65
C PRO A 45 22.09 -29.55 12.04
N THR A 46 21.23 -30.45 12.51
CA THR A 46 20.74 -30.41 13.88
C THR A 46 21.83 -30.92 14.84
N GLN A 47 21.48 -30.99 16.15
CA GLN A 47 22.34 -31.51 17.22
C GLN A 47 22.79 -32.95 16.96
N ASP A 48 21.89 -33.80 16.41
CA ASP A 48 22.24 -35.17 16.01
C ASP A 48 23.27 -35.23 14.84
N GLY A 49 23.63 -34.08 14.20
CA GLY A 49 24.55 -34.03 13.06
C GLY A 49 23.94 -34.36 11.67
N ARG A 50 22.58 -34.44 11.56
CA ARG A 50 21.86 -34.74 10.32
C ARG A 50 21.59 -33.48 9.49
N THR A 51 21.74 -33.56 8.15
CA THR A 51 21.40 -32.45 7.25
C THR A 51 19.94 -32.61 6.84
N ALA A 52 19.20 -31.51 6.58
CA ALA A 52 17.82 -31.61 6.12
C ALA A 52 17.78 -31.13 4.66
N ALA A 53 18.70 -31.70 3.85
CA ALA A 53 18.84 -31.37 2.43
C ALA A 53 17.66 -31.97 1.65
N TRP A 54 16.97 -32.97 2.24
CA TRP A 54 15.70 -33.51 1.77
C TRP A 54 14.56 -32.47 1.67
N ARG A 55 14.60 -31.39 2.49
CA ARG A 55 13.52 -30.41 2.55
C ARG A 55 13.41 -29.74 1.17
N THR A 56 14.57 -29.57 0.55
CA THR A 56 14.81 -28.76 -0.62
C THR A 56 13.95 -29.23 -1.79
N THR A 57 13.76 -30.56 -1.89
CA THR A 57 13.05 -31.15 -3.02
C THR A 57 11.89 -32.04 -2.53
N SER A 58 11.67 -32.15 -1.22
CA SER A 58 10.45 -32.77 -0.70
C SER A 58 9.18 -32.09 -1.24
N GLU A 59 8.23 -32.93 -1.69
CA GLU A 59 7.05 -32.46 -2.40
C GLU A 59 5.99 -32.06 -1.38
N GLU A 60 5.93 -32.81 -0.26
CA GLU A 60 5.17 -32.43 0.92
C GLU A 60 5.54 -30.96 1.29
N LYS A 61 6.85 -30.68 1.41
CA LYS A 61 7.35 -29.41 1.93
C LYS A 61 7.21 -28.31 0.90
N LYS A 62 7.45 -28.63 -0.38
CA LYS A 62 7.26 -27.69 -1.48
C LYS A 62 5.79 -27.20 -1.46
N ALA A 63 4.86 -28.12 -1.18
CA ALA A 63 3.44 -27.80 -1.11
C ALA A 63 3.17 -26.92 0.11
N LEU A 64 3.76 -27.30 1.25
CA LEU A 64 3.53 -26.60 2.52
C LEU A 64 4.06 -25.16 2.46
N ASP A 65 5.19 -24.99 1.78
CA ASP A 65 5.83 -23.71 1.48
C ASP A 65 4.90 -22.85 0.62
N GLN A 66 4.40 -23.42 -0.51
CA GLN A 66 3.50 -22.72 -1.40
C GLN A 66 2.21 -22.29 -0.69
N ALA A 67 1.71 -23.09 0.26
CA ALA A 67 0.50 -22.80 1.01
C ALA A 67 0.56 -21.49 1.81
N SER A 68 1.77 -21.00 2.13
CA SER A 68 1.96 -19.77 2.93
C SER A 68 2.69 -18.73 2.09
N GLU A 69 2.68 -18.93 0.76
CA GLU A 69 3.36 -18.02 -0.14
C GLU A 69 2.87 -16.59 0.07
N GLU A 70 1.58 -16.44 0.38
CA GLU A 70 0.94 -15.13 0.56
C GLU A 70 1.69 -14.40 1.69
N ILE A 71 1.98 -15.14 2.76
CA ILE A 71 2.71 -14.66 3.95
C ILE A 71 4.15 -14.34 3.61
N TRP A 72 4.88 -15.29 2.96
CA TRP A 72 6.27 -15.03 2.61
C TRP A 72 6.37 -13.85 1.68
N ASN A 73 5.43 -13.69 0.73
CA ASN A 73 5.50 -12.62 -0.24
C ASN A 73 5.28 -11.25 0.47
N ASP A 74 4.43 -11.21 1.49
CA ASP A 74 4.24 -9.97 2.27
C ASP A 74 5.53 -9.57 3.00
N PHE A 75 6.21 -10.56 3.61
CA PHE A 75 7.54 -10.33 4.23
C PHE A 75 8.49 -9.76 3.19
N ARG A 76 8.46 -10.32 1.94
CA ARG A 76 9.35 -9.86 0.86
C ARG A 76 9.10 -8.44 0.46
N GLU A 77 7.81 -8.04 0.46
CA GLU A 77 7.48 -6.68 0.08
C GLU A 77 8.15 -5.75 1.08
N ALA A 78 7.88 -6.03 2.40
CA ALA A 78 8.41 -5.23 3.49
C ALA A 78 9.96 -5.24 3.47
N ALA A 79 10.59 -6.35 3.02
CA ALA A 79 12.05 -6.48 2.92
C ALA A 79 12.57 -5.62 1.78
N GLU A 80 11.80 -5.51 0.69
CA GLU A 80 12.32 -4.76 -0.45
C GLU A 80 12.25 -3.31 -0.10
N ALA A 81 11.19 -2.93 0.61
CA ALA A 81 11.11 -1.55 1.07
C ALA A 81 12.31 -1.25 1.99
N HIS A 82 12.66 -2.18 2.87
CA HIS A 82 13.78 -2.01 3.80
C HIS A 82 15.09 -1.74 3.02
N ARG A 83 15.36 -2.58 2.02
CA ARG A 83 16.56 -2.37 1.18
C ARG A 83 16.62 -1.03 0.50
N GLN A 84 15.51 -0.59 -0.11
CA GLN A 84 15.52 0.67 -0.82
C GLN A 84 15.66 1.85 0.10
N VAL A 85 14.94 1.82 1.27
CA VAL A 85 15.04 2.89 2.24
C VAL A 85 16.48 2.99 2.72
N ARG A 86 17.09 1.83 3.06
CA ARG A 86 18.41 1.90 3.69
C ARG A 86 19.51 2.35 2.71
N LYS A 87 19.40 1.97 1.41
CA LYS A 87 20.31 2.51 0.38
C LYS A 87 20.14 4.01 0.23
N TYR A 88 18.89 4.52 0.25
CA TYR A 88 18.60 5.95 0.22
C TYR A 88 19.29 6.60 1.40
N VAL A 89 19.04 6.06 2.62
CA VAL A 89 19.61 6.65 3.82
C VAL A 89 21.15 6.78 3.70
N MET A 90 21.75 5.67 3.20
N MET A 90 21.83 5.76 3.22
CA MET A 90 23.20 5.44 3.02
CA MET A 90 23.30 5.82 3.19
C MET A 90 23.79 6.45 2.00
C MET A 90 23.79 6.87 2.21
N SER A 91 22.93 7.18 1.23
CA SER A 91 23.26 8.17 0.21
C SER A 91 23.30 9.59 0.76
N TRP A 92 22.64 9.90 1.90
CA TRP A 92 22.65 11.25 2.46
C TRP A 92 23.07 11.32 3.93
N ILE A 93 23.08 10.21 4.71
CA ILE A 93 23.29 10.38 6.16
C ILE A 93 24.69 10.97 6.41
N LYS A 94 24.80 11.99 7.28
CA LYS A 94 26.11 12.61 7.47
C LYS A 94 26.17 13.34 8.79
N PRO A 95 27.39 13.61 9.34
CA PRO A 95 27.49 14.47 10.50
C PRO A 95 26.89 15.85 10.30
N GLY A 96 26.41 16.39 11.40
CA GLY A 96 25.77 17.70 11.38
C GLY A 96 24.26 17.67 11.16
N MET A 97 23.69 16.56 10.64
CA MET A 97 22.22 16.42 10.71
C MET A 97 21.75 16.13 12.14
N THR A 98 20.56 16.60 12.50
CA THR A 98 19.96 16.22 13.79
C THR A 98 19.48 14.77 13.68
N MET A 99 19.43 14.06 14.83
CA MET A 99 18.83 12.72 14.82
C MET A 99 17.36 12.82 14.36
N ILE A 100 16.66 13.87 14.78
CA ILE A 100 15.28 14.08 14.30
C ILE A 100 15.21 14.13 12.78
N GLU A 101 16.04 14.98 12.13
CA GLU A 101 16.04 15.08 10.67
C GLU A 101 16.32 13.74 10.00
N ILE A 102 17.33 12.99 10.51
CA ILE A 102 17.61 11.62 10.05
C ILE A 102 16.34 10.75 10.08
N CYS A 103 15.72 10.62 11.27
CA CYS A 103 14.59 9.69 11.39
C CYS A 103 13.40 10.15 10.49
N GLU A 104 13.10 11.44 10.47
CA GLU A 104 11.99 12.00 9.66
C GLU A 104 12.15 11.66 8.17
N LYS A 105 13.37 11.81 7.66
CA LYS A 105 13.69 11.58 6.26
C LYS A 105 13.62 10.10 5.89
N LEU A 106 14.13 9.26 6.80
CA LEU A 106 14.02 7.84 6.64
C LEU A 106 12.53 7.46 6.63
N GLU A 107 11.82 7.89 7.68
CA GLU A 107 10.43 7.43 7.90
C GLU A 107 9.49 7.91 6.79
N ASP A 108 9.70 9.15 6.32
CA ASP A 108 8.94 9.69 5.18
C ASP A 108 9.10 8.74 4.00
N CYS A 109 10.32 8.31 3.71
CA CYS A 109 10.56 7.42 2.60
C CYS A 109 9.89 6.06 2.80
N SER A 110 10.01 5.47 4.02
CA SER A 110 9.38 4.19 4.36
C SER A 110 7.88 4.19 4.08
N ARG A 111 7.19 5.26 4.53
CA ARG A 111 5.73 5.40 4.46
C ARG A 111 5.29 5.34 2.99
N LYS A 112 6.05 6.03 2.15
CA LYS A 112 5.82 6.08 0.71
C LYS A 112 6.09 4.75 0.05
N LEU A 113 7.20 4.04 0.40
CA LEU A 113 7.54 2.81 -0.27
C LEU A 113 6.65 1.66 0.16
N ILE A 114 6.11 1.71 1.39
CA ILE A 114 5.25 0.62 1.88
C ILE A 114 3.78 0.90 1.53
N LYS A 115 3.52 2.11 1.02
CA LYS A 115 2.24 2.72 0.74
C LYS A 115 1.38 2.51 2.00
N GLU A 116 1.80 3.24 3.05
CA GLU A 116 1.20 3.02 4.35
C GLU A 116 -0.34 3.22 4.35
N ASN A 117 -1.02 2.36 5.13
CA ASN A 117 -2.47 2.37 5.31
C ASN A 117 -2.82 1.82 6.68
N GLY A 118 -2.88 2.72 7.70
CA GLY A 118 -3.20 2.34 9.07
C GLY A 118 -2.47 1.08 9.51
N LEU A 119 -3.21 0.04 9.95
CA LEU A 119 -2.64 -1.22 10.44
C LEU A 119 -2.45 -2.24 9.34
N ASN A 120 -2.83 -1.89 8.10
CA ASN A 120 -2.73 -2.79 6.98
C ASN A 120 -1.34 -2.84 6.38
N ALA A 121 -0.59 -1.73 6.44
CA ALA A 121 0.74 -1.62 5.89
C ALA A 121 1.34 -0.40 6.55
N GLY A 122 2.64 -0.44 6.88
CA GLY A 122 3.22 0.70 7.56
C GLY A 122 4.60 0.44 8.20
N LEU A 123 4.91 1.33 9.15
CA LEU A 123 6.17 1.28 9.88
C LEU A 123 5.95 0.31 11.03
N ALA A 124 6.80 -0.73 11.14
CA ALA A 124 6.61 -1.74 12.18
C ALA A 124 6.98 -1.26 13.59
N PHE A 125 7.93 -0.31 13.67
CA PHE A 125 8.41 0.23 14.94
C PHE A 125 9.24 1.46 14.62
N PRO A 126 9.48 2.31 15.67
CA PRO A 126 10.31 3.51 15.52
C PRO A 126 11.73 3.31 15.01
N THR A 127 12.22 4.33 14.34
CA THR A 127 13.57 4.28 13.82
C THR A 127 14.58 4.41 14.95
N GLY A 128 15.21 3.28 15.24
CA GLY A 128 16.37 3.32 16.11
C GLY A 128 17.59 3.97 15.45
N CYS A 129 18.24 4.82 16.24
CA CYS A 129 19.46 5.51 15.84
C CYS A 129 20.48 5.64 16.97
N SER A 130 20.49 4.58 17.82
CA SER A 130 21.24 4.55 19.08
C SER A 130 22.71 4.86 18.82
N LEU A 131 23.23 5.76 19.63
CA LEU A 131 24.60 6.26 19.48
C LEU A 131 25.56 5.75 20.54
N ASN A 132 26.73 5.34 20.08
CA ASN A 132 27.95 5.18 20.89
C ASN A 132 27.77 4.03 21.91
N ASN A 133 27.64 4.37 23.21
CA ASN A 133 27.53 3.36 24.26
C ASN A 133 26.08 2.84 24.33
N CYS A 134 25.13 3.61 23.74
CA CYS A 134 23.76 3.18 23.63
CA CYS A 134 23.75 3.22 23.60
C CYS A 134 23.63 2.25 22.44
N ALA A 135 23.09 1.05 22.74
CA ALA A 135 23.06 -0.07 21.82
C ALA A 135 21.71 -0.15 21.08
N ALA A 136 20.60 0.21 21.76
CA ALA A 136 19.26 -0.05 21.24
C ALA A 136 18.23 0.87 21.92
N HIS A 137 17.10 1.02 21.19
CA HIS A 137 15.87 1.66 21.67
C HIS A 137 15.97 3.17 21.95
N TYR A 138 16.95 3.86 21.33
CA TYR A 138 16.94 5.32 21.25
C TYR A 138 16.39 5.77 19.89
N THR A 139 15.35 6.61 19.95
CA THR A 139 14.97 7.54 18.88
C THR A 139 14.72 8.90 19.57
N PRO A 140 15.00 10.03 18.87
CA PRO A 140 14.72 11.34 19.48
C PRO A 140 13.23 11.53 19.80
N ASN A 141 12.99 12.21 20.91
CA ASN A 141 11.70 12.77 21.21
C ASN A 141 11.72 14.23 20.71
N ALA A 142 10.56 14.86 20.71
CA ALA A 142 10.46 16.32 20.44
C ALA A 142 11.53 17.09 21.24
N GLY A 143 12.19 18.05 20.56
CA GLY A 143 13.05 18.95 21.29
C GLY A 143 14.46 18.41 21.45
N ASP A 144 14.72 17.14 21.03
CA ASP A 144 16.05 16.58 21.12
C ASP A 144 16.95 17.30 20.13
N THR A 145 18.04 17.95 20.60
CA THR A 145 18.93 18.71 19.72
C THR A 145 20.18 17.92 19.34
N THR A 146 20.24 16.62 19.70
CA THR A 146 21.37 15.80 19.36
C THR A 146 21.61 15.83 17.87
N VAL A 147 22.89 16.05 17.58
CA VAL A 147 23.44 16.05 16.26
C VAL A 147 24.32 14.83 16.03
N LEU A 148 24.26 14.25 14.83
CA LEU A 148 25.15 13.14 14.49
C LEU A 148 26.56 13.68 14.26
N GLN A 149 27.56 13.01 14.86
CA GLN A 149 28.92 13.55 14.88
C GLN A 149 29.80 12.59 14.08
N TYR A 150 30.94 13.08 13.54
CA TYR A 150 31.92 12.26 12.82
C TYR A 150 32.35 10.96 13.55
N ASP A 151 32.62 11.07 14.86
CA ASP A 151 33.11 9.95 15.65
C ASP A 151 31.98 9.16 16.30
N ASP A 152 30.75 9.37 15.84
CA ASP A 152 29.62 8.60 16.40
C ASP A 152 29.57 7.21 15.75
N ILE A 153 29.00 6.24 16.49
CA ILE A 153 28.72 4.91 15.98
C ILE A 153 27.19 4.67 16.19
N CYS A 154 26.47 4.67 15.08
CA CYS A 154 25.04 4.87 15.05
C CYS A 154 24.36 3.60 14.57
N LYS A 155 23.47 2.99 15.41
CA LYS A 155 22.76 1.78 15.00
C LYS A 155 21.38 2.11 14.41
N ILE A 156 21.27 1.95 13.09
CA ILE A 156 20.05 2.25 12.36
C ILE A 156 19.24 0.94 12.31
N ASP A 157 18.16 0.96 13.09
CA ASP A 157 17.35 -0.24 13.24
C ASP A 157 15.91 0.18 12.98
N PHE A 158 15.33 -0.32 11.89
CA PHE A 158 14.02 0.15 11.51
C PHE A 158 13.26 -0.99 10.89
N GLY A 159 11.95 -0.77 10.85
CA GLY A 159 11.07 -1.84 10.45
C GLY A 159 9.90 -1.37 9.58
N THR A 160 9.50 -2.33 8.76
CA THR A 160 8.35 -2.24 7.86
C THR A 160 7.47 -3.47 8.03
N HIS A 161 6.18 -3.36 7.73
CA HIS A 161 5.27 -4.48 7.72
C HIS A 161 4.24 -4.32 6.59
N ILE A 162 3.75 -5.47 6.18
CA ILE A 162 2.57 -5.66 5.33
C ILE A 162 1.69 -6.65 6.07
N SER A 163 0.48 -6.22 6.38
CA SER A 163 -0.49 -7.13 7.06
C SER A 163 0.09 -7.70 8.35
N GLY A 164 0.97 -6.92 9.00
CA GLY A 164 1.53 -7.37 10.26
C GLY A 164 2.67 -8.39 10.15
N ARG A 165 3.13 -8.57 8.90
CA ARG A 165 4.33 -9.38 8.61
C ARG A 165 5.47 -8.39 8.68
N ILE A 166 6.25 -8.49 9.79
CA ILE A 166 7.28 -7.50 10.17
C ILE A 166 8.69 -7.86 9.67
N ILE A 167 9.40 -6.87 9.08
CA ILE A 167 10.85 -6.91 8.90
C ILE A 167 11.53 -6.08 10.01
N ASP A 168 12.36 -6.77 10.80
CA ASP A 168 13.25 -6.14 11.79
C ASP A 168 14.72 -6.29 11.34
N CYS A 169 15.37 -5.18 10.95
CA CYS A 169 16.65 -5.33 10.22
C CYS A 169 17.44 -4.05 10.48
N ALA A 170 18.75 -4.23 10.71
CA ALA A 170 19.54 -3.16 11.26
C ALA A 170 20.99 -3.22 10.79
N PHE A 171 21.58 -2.03 10.75
CA PHE A 171 23.02 -1.92 10.50
C PHE A 171 23.63 -0.75 11.27
N THR A 172 24.99 -0.70 11.28
CA THR A 172 25.73 0.30 12.01
C THR A 172 26.39 1.25 11.03
N VAL A 173 26.20 2.54 11.27
CA VAL A 173 26.74 3.64 10.49
C VAL A 173 27.90 4.27 11.25
N THR A 174 29.02 4.50 10.54
CA THR A 174 30.14 5.23 11.10
C THR A 174 30.73 6.10 9.96
N PHE A 175 31.65 7.01 10.33
CA PHE A 175 32.34 7.86 9.37
C PHE A 175 33.86 7.83 9.64
N ASN A 176 34.24 7.47 10.85
CA ASN A 176 35.64 7.30 11.24
C ASN A 176 36.03 5.84 10.98
N PRO A 177 37.07 5.56 10.15
CA PRO A 177 37.60 4.21 10.00
C PRO A 177 38.09 3.44 11.25
N LYS A 178 38.37 4.12 12.35
CA LYS A 178 38.84 3.44 13.55
C LYS A 178 37.83 2.40 14.07
N TYR A 179 36.55 2.47 13.64
CA TYR A 179 35.52 1.54 14.11
C TYR A 179 35.38 0.35 13.15
N ASP A 180 36.18 0.28 12.06
CA ASP A 180 35.96 -0.73 11.03
C ASP A 180 36.08 -2.14 11.59
N THR A 181 37.04 -2.43 12.48
CA THR A 181 37.20 -3.80 12.93
C THR A 181 36.09 -4.21 13.90
N LEU A 182 35.53 -3.23 14.65
CA LEU A 182 34.38 -3.54 15.49
C LEU A 182 33.16 -3.95 14.66
N LEU A 183 32.93 -3.25 13.55
CA LEU A 183 31.77 -3.51 12.72
C LEU A 183 31.95 -4.88 12.04
N LYS A 184 33.19 -5.18 11.62
CA LYS A 184 33.50 -6.48 11.04
C LYS A 184 33.19 -7.65 12.01
N ALA A 185 33.59 -7.47 13.28
CA ALA A 185 33.37 -8.48 14.32
C ALA A 185 31.86 -8.72 14.47
N VAL A 186 31.08 -7.63 14.60
CA VAL A 186 29.64 -7.87 14.89
C VAL A 186 28.97 -8.42 13.63
N LYS A 187 29.35 -7.91 12.44
CA LYS A 187 28.76 -8.44 11.21
C LYS A 187 29.01 -9.95 11.08
N ASP A 188 30.24 -10.38 11.41
CA ASP A 188 30.59 -11.78 11.44
C ASP A 188 29.71 -12.54 12.44
N ALA A 189 29.53 -11.99 13.66
CA ALA A 189 28.77 -12.67 14.66
C ALA A 189 27.32 -12.89 14.19
N THR A 190 26.73 -11.82 13.62
CA THR A 190 25.34 -11.89 13.15
C THR A 190 25.22 -12.90 12.00
N ASN A 191 26.18 -12.86 11.06
CA ASN A 191 26.16 -13.79 9.92
C ASN A 191 26.35 -15.22 10.42
N THR A 192 27.14 -15.41 11.51
CA THR A 192 27.28 -16.72 12.12
C THR A 192 25.97 -17.22 12.71
N GLY A 193 25.30 -16.32 13.48
CA GLY A 193 24.00 -16.65 14.01
C GLY A 193 22.99 -17.07 12.93
N ILE A 194 22.99 -16.35 11.82
CA ILE A 194 22.06 -16.58 10.70
C ILE A 194 22.35 -17.96 10.09
N LYS A 195 23.64 -18.26 9.93
CA LYS A 195 24.10 -19.55 9.39
C LYS A 195 23.74 -20.69 10.32
N CYS A 196 23.82 -20.48 11.67
CA CYS A 196 23.52 -21.52 12.64
C CYS A 196 22.04 -21.77 12.90
N ALA A 197 21.19 -20.77 12.61
CA ALA A 197 19.76 -20.91 12.75
C ALA A 197 19.22 -21.99 11.79
N GLY A 198 18.28 -22.75 12.32
CA GLY A 198 17.43 -23.57 11.48
C GLY A 198 16.42 -24.40 12.29
N ILE A 199 15.54 -25.06 11.53
CA ILE A 199 14.53 -25.94 12.11
C ILE A 199 15.28 -27.01 12.89
N ASP A 200 14.75 -27.25 14.11
CA ASP A 200 15.21 -28.23 15.08
C ASP A 200 16.52 -27.82 15.77
N VAL A 201 17.11 -26.65 15.42
CA VAL A 201 18.32 -26.15 16.07
C VAL A 201 17.92 -25.55 17.41
N ARG A 202 18.71 -25.86 18.46
CA ARG A 202 18.49 -25.36 19.81
C ARG A 202 18.93 -23.90 19.86
N LEU A 203 18.11 -23.09 20.52
CA LEU A 203 18.41 -21.66 20.65
C LEU A 203 19.74 -21.44 21.34
N CYS A 204 20.04 -22.20 22.39
CA CYS A 204 21.32 -22.07 23.10
C CYS A 204 22.51 -22.29 22.17
N ASP A 205 22.38 -23.19 21.13
CA ASP A 205 23.51 -23.52 20.28
C ASP A 205 23.83 -22.35 19.35
N VAL A 206 22.79 -21.59 18.96
CA VAL A 206 23.01 -20.38 18.18
C VAL A 206 23.82 -19.38 19.02
N GLY A 207 23.37 -19.11 20.24
CA GLY A 207 24.05 -18.22 21.17
C GLY A 207 25.52 -18.61 21.41
N GLU A 208 25.76 -19.90 21.66
CA GLU A 208 27.13 -20.37 21.81
C GLU A 208 28.00 -20.01 20.60
N ALA A 209 27.55 -20.29 19.35
CA ALA A 209 28.25 -19.99 18.12
C ALA A 209 28.55 -18.52 17.95
N ILE A 210 27.52 -17.67 18.19
CA ILE A 210 27.73 -16.23 18.16
C ILE A 210 28.85 -15.81 19.13
N GLN A 211 28.81 -16.27 20.38
CA GLN A 211 29.77 -15.84 21.37
C GLN A 211 31.20 -16.20 20.95
N GLU A 212 31.39 -17.44 20.41
CA GLU A 212 32.74 -17.88 20.02
C GLU A 212 33.29 -17.03 18.88
N VAL A 213 32.44 -16.53 18.00
CA VAL A 213 32.87 -15.63 16.91
C VAL A 213 33.14 -14.25 17.47
N MET A 214 32.14 -13.69 18.17
CA MET A 214 32.27 -12.34 18.72
C MET A 214 33.60 -12.21 19.49
N GLU A 215 33.85 -13.12 20.44
CA GLU A 215 34.98 -13.05 21.34
C GLU A 215 36.35 -13.35 20.67
N SER A 216 36.39 -13.77 19.42
CA SER A 216 37.62 -13.95 18.67
C SER A 216 38.21 -12.63 18.16
N TYR A 217 37.45 -11.53 18.30
CA TYR A 217 37.90 -10.23 17.84
C TYR A 217 38.38 -9.35 19.00
N GLU A 218 39.55 -8.77 18.74
CA GLU A 218 40.08 -7.71 19.59
C GLU A 218 40.21 -6.49 18.68
N VAL A 219 39.90 -5.28 19.18
CA VAL A 219 39.94 -4.11 18.32
C VAL A 219 40.84 -3.08 18.94
N GLU A 220 41.51 -2.27 18.09
CA GLU A 220 42.27 -1.18 18.68
C GLU A 220 41.67 0.15 18.25
N ILE A 221 41.24 0.96 19.24
CA ILE A 221 40.61 2.24 19.03
C ILE A 221 41.27 3.27 19.96
N ASP A 222 41.80 4.33 19.31
CA ASP A 222 42.47 5.46 19.95
C ASP A 222 43.60 4.99 20.86
N GLY A 223 44.40 4.01 20.39
CA GLY A 223 45.55 3.50 21.12
C GLY A 223 45.23 2.55 22.27
N LYS A 224 43.97 2.10 22.41
CA LYS A 224 43.56 1.13 23.43
C LYS A 224 43.08 -0.13 22.74
N THR A 225 43.51 -1.32 23.20
CA THR A 225 43.01 -2.59 22.68
C THR A 225 41.82 -3.06 23.52
N TYR A 226 40.74 -3.50 22.84
CA TYR A 226 39.55 -4.00 23.53
C TYR A 226 39.24 -5.39 22.99
N GLN A 227 38.90 -6.27 23.94
CA GLN A 227 38.20 -7.53 23.70
C GLN A 227 36.75 -7.21 23.33
N VAL A 228 36.32 -7.70 22.15
CA VAL A 228 34.93 -7.47 21.73
C VAL A 228 34.05 -8.42 22.57
N LYS A 229 33.11 -7.81 23.27
CA LYS A 229 32.19 -8.53 24.14
C LYS A 229 30.79 -8.58 23.52
N PRO A 230 30.13 -9.75 23.49
CA PRO A 230 28.70 -9.78 23.19
C PRO A 230 27.93 -9.09 24.32
N ILE A 231 26.89 -8.30 24.00
CA ILE A 231 26.09 -7.69 25.03
C ILE A 231 25.16 -8.80 25.59
N ARG A 232 25.49 -9.26 26.81
CA ARG A 232 25.01 -10.58 27.24
C ARG A 232 23.51 -10.57 27.54
N ASN A 233 22.91 -9.39 27.87
CA ASN A 233 21.48 -9.30 28.17
C ASN A 233 20.68 -8.70 27.02
N LEU A 234 21.27 -8.62 25.81
CA LEU A 234 20.52 -8.38 24.59
C LEU A 234 20.36 -9.67 23.84
N ASN A 235 19.26 -9.73 23.06
CA ASN A 235 18.80 -10.96 22.41
C ASN A 235 18.15 -10.63 21.05
N GLY A 236 18.26 -11.55 20.10
CA GLY A 236 17.29 -11.75 19.04
C GLY A 236 15.96 -12.35 19.55
N HIS A 237 15.01 -12.57 18.64
CA HIS A 237 13.65 -12.90 19.03
C HIS A 237 12.84 -13.42 17.85
N SER A 238 11.87 -14.28 18.19
CA SER A 238 10.90 -14.71 17.24
C SER A 238 9.96 -13.53 16.99
N ILE A 239 9.36 -13.57 15.83
CA ILE A 239 8.38 -12.58 15.36
C ILE A 239 7.06 -13.27 15.03
N GLY A 240 5.93 -12.66 15.45
CA GLY A 240 4.62 -13.10 15.03
C GLY A 240 3.81 -11.92 14.43
N GLN A 241 2.60 -12.22 13.97
CA GLN A 241 1.81 -11.19 13.26
C GLN A 241 1.45 -10.07 14.21
N TYR A 242 1.93 -8.85 13.91
CA TYR A 242 1.76 -7.65 14.72
C TYR A 242 2.49 -7.77 16.06
N ARG A 243 3.40 -8.78 16.17
CA ARG A 243 4.02 -9.10 17.46
C ARG A 243 5.53 -9.22 17.30
N ILE A 244 6.21 -8.07 17.44
CA ILE A 244 7.64 -7.97 17.17
C ILE A 244 8.43 -8.96 18.05
N HIS A 245 7.92 -9.15 19.27
CA HIS A 245 8.52 -10.12 20.19
C HIS A 245 7.54 -11.26 20.52
N ALA A 246 7.62 -12.38 19.78
CA ALA A 246 6.59 -13.43 19.86
C ALA A 246 6.83 -14.41 21.00
N GLY A 247 7.97 -14.29 21.70
CA GLY A 247 8.16 -14.98 22.97
C GLY A 247 9.30 -16.01 22.94
N LYS A 248 9.97 -16.26 21.83
CA LYS A 248 11.21 -17.04 21.92
C LYS A 248 12.39 -16.05 21.78
N THR A 249 13.38 -16.14 22.69
CA THR A 249 14.55 -15.26 22.63
C THR A 249 15.73 -16.03 22.04
N VAL A 250 16.48 -15.37 21.12
CA VAL A 250 17.70 -15.88 20.53
C VAL A 250 18.90 -15.29 21.30
N PRO A 251 19.55 -16.08 22.19
CA PRO A 251 20.68 -15.57 22.98
C PRO A 251 21.82 -15.31 22.02
N ILE A 252 22.74 -14.44 22.50
CA ILE A 252 23.98 -14.14 21.81
C ILE A 252 25.22 -14.50 22.63
N VAL A 253 24.96 -15.20 23.74
CA VAL A 253 25.94 -15.87 24.55
C VAL A 253 25.54 -17.34 24.72
N LYS A 254 26.54 -18.11 25.19
CA LYS A 254 26.34 -19.48 25.62
C LYS A 254 25.44 -19.49 26.86
N GLY A 255 24.67 -20.58 26.92
CA GLY A 255 23.93 -21.01 28.10
C GLY A 255 22.47 -20.51 28.05
N GLY A 256 21.92 -20.23 26.84
CA GLY A 256 20.49 -19.92 26.71
C GLY A 256 19.59 -21.17 26.85
N GLU A 257 18.35 -21.11 26.35
CA GLU A 257 17.41 -22.21 26.52
C GLU A 257 17.63 -23.28 25.43
N ALA A 258 17.36 -24.55 25.79
CA ALA A 258 17.40 -25.68 24.86
C ALA A 258 16.20 -25.75 23.90
N THR A 259 15.24 -24.81 24.00
CA THR A 259 14.11 -24.73 23.06
C THR A 259 14.57 -24.72 21.61
N ARG A 260 13.83 -25.44 20.77
CA ARG A 260 14.21 -25.61 19.39
C ARG A 260 13.46 -24.55 18.58
N MET A 261 14.11 -24.08 17.52
CA MET A 261 13.43 -23.42 16.44
C MET A 261 12.61 -24.43 15.65
N GLU A 262 11.46 -23.97 15.11
CA GLU A 262 10.43 -24.81 14.49
C GLU A 262 10.04 -24.31 13.12
N GLU A 263 9.59 -25.27 12.28
CA GLU A 263 9.20 -24.96 10.91
C GLU A 263 8.15 -23.85 10.95
N GLY A 264 8.31 -22.88 10.05
CA GLY A 264 7.28 -21.86 9.86
C GLY A 264 7.49 -20.63 10.77
N GLU A 265 8.49 -20.69 11.67
CA GLU A 265 8.77 -19.56 12.57
C GLU A 265 9.55 -18.50 11.80
N VAL A 266 9.50 -17.30 12.39
CA VAL A 266 10.22 -16.17 11.83
C VAL A 266 11.07 -15.58 12.94
N TYR A 267 12.37 -15.33 12.65
CA TYR A 267 13.28 -14.83 13.67
C TYR A 267 13.95 -13.56 13.22
N ALA A 268 14.11 -12.65 14.20
CA ALA A 268 15.08 -11.57 14.08
C ALA A 268 16.37 -12.09 14.73
N ILE A 269 17.38 -12.30 13.88
CA ILE A 269 18.72 -12.71 14.34
C ILE A 269 19.60 -11.46 14.38
N GLU A 270 19.93 -11.04 15.57
CA GLU A 270 20.71 -9.81 15.73
C GLU A 270 21.81 -10.07 16.75
N THR A 271 22.95 -9.38 16.61
CA THR A 271 23.97 -9.43 17.64
C THR A 271 24.40 -7.99 17.88
N PHE A 272 24.94 -7.78 19.08
CA PHE A 272 25.49 -6.55 19.58
C PHE A 272 26.85 -6.86 20.21
N GLY A 273 27.85 -6.07 19.75
CA GLY A 273 29.18 -6.16 20.28
C GLY A 273 29.55 -4.89 20.99
N SER A 274 30.26 -5.02 22.09
CA SER A 274 30.66 -3.84 22.85
C SER A 274 32.17 -3.86 23.24
N THR A 275 32.75 -2.64 23.33
CA THR A 275 34.08 -2.45 23.91
C THR A 275 33.98 -2.15 25.42
N GLY A 276 32.76 -2.14 25.97
CA GLY A 276 32.52 -1.77 27.36
C GLY A 276 32.47 -2.99 28.28
N LYS A 277 31.50 -2.96 29.18
CA LYS A 277 31.31 -4.03 30.15
C LYS A 277 30.67 -5.26 29.50
N GLY A 278 29.96 -5.10 28.37
CA GLY A 278 29.28 -6.16 27.69
C GLY A 278 27.88 -6.42 28.29
N VAL A 279 27.20 -5.38 28.74
CA VAL A 279 25.91 -5.49 29.41
C VAL A 279 25.27 -4.11 29.34
N VAL A 280 23.94 -4.15 29.16
CA VAL A 280 23.18 -2.92 29.06
C VAL A 280 22.29 -2.72 30.29
N HIS A 281 22.06 -1.43 30.61
CA HIS A 281 21.07 -0.98 31.56
C HIS A 281 20.21 0.12 30.91
N ASP A 282 19.06 0.36 31.51
CA ASP A 282 18.17 1.48 31.14
C ASP A 282 18.83 2.83 31.34
N ASP A 283 18.78 3.70 30.31
CA ASP A 283 19.37 5.01 30.49
C ASP A 283 18.74 6.03 29.55
N MET A 284 18.80 7.35 29.92
CA MET A 284 18.30 8.46 29.11
C MET A 284 16.78 8.45 29.00
N GLU A 285 16.22 9.34 28.19
CA GLU A 285 14.77 9.52 28.21
C GLU A 285 14.13 8.41 27.37
N CYS A 286 13.00 7.84 27.84
CA CYS A 286 12.20 6.92 27.05
C CYS A 286 11.53 7.63 25.85
N SER A 287 11.60 6.95 24.72
CA SER A 287 10.96 7.29 23.47
C SER A 287 9.98 6.22 22.99
N HIS A 288 10.31 4.92 23.26
CA HIS A 288 9.59 3.83 22.70
C HIS A 288 8.63 3.20 23.68
N TYR A 289 7.46 2.85 23.14
CA TYR A 289 6.40 2.22 23.91
C TYR A 289 5.72 1.20 23.01
N MET A 290 4.97 0.27 23.67
CA MET A 290 4.19 -0.66 22.88
C MET A 290 3.08 -1.25 23.73
N LYS A 291 1.89 -1.28 23.14
CA LYS A 291 0.78 -1.92 23.80
C LYS A 291 1.07 -3.42 23.98
N ASN A 292 0.65 -3.95 25.14
CA ASN A 292 0.77 -5.38 25.49
C ASN A 292 -0.38 -6.16 24.85
N PHE A 293 -0.03 -7.31 24.28
CA PHE A 293 -0.95 -8.31 23.76
C PHE A 293 -1.86 -8.95 24.81
N ASP A 294 -1.24 -9.69 25.75
CA ASP A 294 -1.99 -10.53 26.65
C ASP A 294 -3.12 -9.72 27.30
N VAL A 295 -2.86 -8.44 27.67
CA VAL A 295 -3.73 -7.65 28.52
C VAL A 295 -5.13 -7.55 27.90
N GLY A 296 -6.16 -7.81 28.74
CA GLY A 296 -7.56 -7.63 28.37
C GLY A 296 -8.03 -6.20 28.59
N HIS A 297 -9.36 -6.01 28.73
CA HIS A 297 -9.98 -4.70 28.91
C HIS A 297 -9.86 -4.26 30.38
N VAL A 298 -8.65 -3.80 30.73
CA VAL A 298 -8.36 -3.09 31.97
C VAL A 298 -9.16 -1.77 31.98
N PRO A 299 -10.04 -1.50 33.00
CA PRO A 299 -10.88 -0.28 33.00
C PRO A 299 -10.10 1.05 33.13
N ILE A 300 -10.61 2.11 32.45
CA ILE A 300 -9.98 3.44 32.39
C ILE A 300 -10.95 4.58 32.78
N ARG A 301 -10.56 5.34 33.80
CA ARG A 301 -11.35 6.46 34.32
C ARG A 301 -11.20 7.76 33.53
N LEU A 302 -9.98 8.19 33.19
CA LEU A 302 -9.75 9.55 32.73
C LEU A 302 -9.92 9.71 31.23
N PRO A 303 -10.65 10.77 30.77
CA PRO A 303 -10.73 11.13 29.35
C PRO A 303 -9.44 11.17 28.54
N ARG A 304 -8.39 11.84 29.06
CA ARG A 304 -7.17 11.94 28.28
C ARG A 304 -6.55 10.53 28.11
N THR A 305 -6.77 9.63 29.09
CA THR A 305 -6.18 8.28 29.03
C THR A 305 -6.92 7.44 28.01
N LYS A 306 -8.28 7.55 28.04
CA LYS A 306 -9.12 6.81 27.11
C LYS A 306 -8.81 7.23 25.68
N HIS A 307 -8.64 8.54 25.50
CA HIS A 307 -8.37 9.12 24.20
C HIS A 307 -7.03 8.61 23.67
N LEU A 308 -6.00 8.72 24.49
CA LEU A 308 -4.70 8.22 24.07
C LEU A 308 -4.78 6.75 23.70
N LEU A 309 -5.49 5.92 24.50
CA LEU A 309 -5.61 4.53 24.09
C LEU A 309 -6.32 4.36 22.74
N ASN A 310 -7.32 5.19 22.43
CA ASN A 310 -8.01 5.10 21.14
C ASN A 310 -7.03 5.43 20.01
N VAL A 311 -6.17 6.45 20.18
CA VAL A 311 -5.22 6.89 19.17
C VAL A 311 -4.21 5.76 18.93
N ILE A 312 -3.75 5.14 20.02
CA ILE A 312 -2.85 3.98 19.95
C ILE A 312 -3.47 2.80 19.20
N ASN A 313 -4.70 2.44 19.57
CA ASN A 313 -5.43 1.38 18.89
C ASN A 313 -5.58 1.63 17.39
N GLU A 314 -5.97 2.86 17.00
CA GLU A 314 -6.24 3.24 15.62
C GLU A 314 -4.96 3.26 14.77
N ASN A 315 -3.83 3.69 15.34
CA ASN A 315 -2.64 4.01 14.59
C ASN A 315 -1.57 2.90 14.71
N PHE A 316 -1.51 2.22 15.86
CA PHE A 316 -0.41 1.30 16.20
C PHE A 316 -0.88 -0.12 16.47
N GLY A 317 -2.06 -0.28 17.12
CA GLY A 317 -2.38 -1.60 17.63
C GLY A 317 -1.30 -2.07 18.58
N THR A 318 -0.74 -3.26 18.33
CA THR A 318 0.22 -3.88 19.20
C THR A 318 1.63 -3.61 18.63
N LEU A 319 1.73 -2.78 17.58
CA LEU A 319 3.05 -2.39 17.10
C LEU A 319 3.63 -1.30 17.99
N ALA A 320 4.99 -1.31 18.11
CA ALA A 320 5.74 -0.29 18.78
C ALA A 320 5.53 1.10 18.12
N PHE A 321 5.57 2.11 18.99
CA PHE A 321 5.46 3.50 18.61
C PHE A 321 6.43 4.32 19.46
N CYS A 322 6.48 5.61 19.12
CA CYS A 322 7.31 6.58 19.81
C CYS A 322 6.53 7.92 20.02
N ARG A 323 7.07 8.72 20.93
CA ARG A 323 6.50 10.01 21.30
C ARG A 323 6.38 10.89 20.05
N ARG A 324 7.43 10.93 19.20
CA ARG A 324 7.35 11.74 17.98
C ARG A 324 6.12 11.43 17.12
N TRP A 325 5.81 10.14 16.99
CA TRP A 325 4.68 9.65 16.27
C TRP A 325 3.33 10.06 16.88
N LEU A 326 3.24 10.21 18.19
CA LEU A 326 2.05 10.79 18.77
C LEU A 326 1.97 12.30 18.49
N ASP A 327 3.11 12.99 18.54
CA ASP A 327 3.12 14.43 18.24
C ASP A 327 2.54 14.63 16.84
N ARG A 328 3.01 13.83 15.88
CA ARG A 328 2.76 14.12 14.49
C ARG A 328 1.28 13.83 14.21
N LEU A 329 0.62 13.01 15.02
CA LEU A 329 -0.83 12.85 14.96
C LEU A 329 -1.65 13.98 15.60
N GLY A 330 -1.02 15.03 16.15
CA GLY A 330 -1.73 16.15 16.77
C GLY A 330 -2.07 15.92 18.25
N GLU A 331 -1.44 14.88 18.85
CA GLU A 331 -1.63 14.61 20.28
C GLU A 331 -0.73 15.56 21.08
N SER A 332 -1.22 16.09 22.20
CA SER A 332 -0.47 16.97 23.12
C SER A 332 -0.95 16.71 24.55
N LYS A 333 -0.12 17.09 25.53
CA LYS A 333 -0.38 16.91 26.97
C LYS A 333 -0.78 15.47 27.27
N TYR A 334 -0.07 14.50 26.64
CA TYR A 334 -0.45 13.08 26.75
C TYR A 334 0.53 12.32 27.67
N LEU A 335 1.57 12.95 28.19
CA LEU A 335 2.58 12.16 28.89
C LEU A 335 2.05 11.50 30.18
N MET A 336 1.22 12.18 30.99
N MET A 336 1.24 12.26 30.95
CA MET A 336 0.67 11.55 32.19
CA MET A 336 0.56 11.75 32.13
C MET A 336 -0.37 10.50 31.80
C MET A 336 -0.29 10.55 31.76
N ALA A 337 -1.02 10.66 30.64
CA ALA A 337 -1.96 9.65 30.19
C ALA A 337 -1.17 8.39 29.77
N LEU A 338 -0.03 8.64 29.12
CA LEU A 338 0.86 7.53 28.68
C LEU A 338 1.43 6.78 29.88
N LYS A 339 1.87 7.57 30.89
CA LYS A 339 2.30 7.01 32.13
C LYS A 339 1.16 6.20 32.73
N ASN A 340 -0.08 6.74 32.70
CA ASN A 340 -1.24 6.01 33.20
C ASN A 340 -1.41 4.66 32.51
N LEU A 341 -1.32 4.59 31.18
CA LEU A 341 -1.43 3.34 30.47
C LEU A 341 -0.32 2.36 30.89
N CYS A 342 0.89 2.88 31.14
CA CYS A 342 2.01 2.07 31.62
C CYS A 342 1.71 1.46 33.02
N ASP A 343 1.25 2.33 33.94
CA ASP A 343 0.95 1.91 35.32
C ASP A 343 -0.14 0.84 35.33
N LEU A 344 -1.15 0.95 34.42
CA LEU A 344 -2.26 0.04 34.30
C LEU A 344 -1.83 -1.26 33.63
N GLY A 345 -0.58 -1.35 33.06
CA GLY A 345 -0.18 -2.61 32.42
C GLY A 345 -0.61 -2.71 30.96
N ILE A 346 -1.21 -1.64 30.39
CA ILE A 346 -1.79 -1.66 29.06
C ILE A 346 -0.68 -1.46 28.03
N VAL A 347 0.25 -0.61 28.41
CA VAL A 347 1.41 -0.32 27.55
C VAL A 347 2.67 -0.54 28.37
N ASP A 348 3.77 -0.97 27.68
CA ASP A 348 5.07 -0.99 28.28
C ASP A 348 5.98 0.04 27.66
N PRO A 349 6.81 0.67 28.50
CA PRO A 349 7.91 1.51 28.02
C PRO A 349 9.12 0.62 27.67
N TYR A 350 9.94 1.07 26.71
CA TYR A 350 11.17 0.41 26.25
C TYR A 350 12.25 1.48 26.20
N PRO A 351 12.89 1.77 27.35
CA PRO A 351 13.90 2.82 27.39
C PRO A 351 15.18 2.40 26.66
N PRO A 352 15.96 3.43 26.28
CA PRO A 352 17.28 3.17 25.73
C PRO A 352 18.17 2.30 26.63
N LEU A 353 18.89 1.43 25.92
CA LEU A 353 19.72 0.40 26.53
C LEU A 353 21.19 0.72 26.21
N CYS A 354 21.94 0.96 27.29
CA CYS A 354 23.28 1.55 27.27
C CYS A 354 24.27 0.72 28.09
N ASP A 355 25.46 0.56 27.49
CA ASP A 355 26.66 0.12 28.19
C ASP A 355 27.30 1.39 28.80
N ILE A 356 28.47 1.18 29.38
CA ILE A 356 29.11 2.21 30.21
C ILE A 356 29.47 3.40 29.33
N LYS A 357 29.44 4.59 29.96
CA LYS A 357 29.89 5.80 29.26
C LYS A 357 31.30 5.60 28.68
N GLY A 358 31.51 6.08 27.45
CA GLY A 358 32.78 5.97 26.75
C GLY A 358 32.93 4.65 25.96
N SER A 359 32.02 3.66 26.11
CA SER A 359 32.12 2.44 25.36
C SER A 359 31.49 2.63 23.96
N TYR A 360 31.77 1.66 23.09
CA TYR A 360 31.29 1.64 21.72
C TYR A 360 30.54 0.32 21.52
N THR A 361 29.36 0.48 20.91
CA THR A 361 28.51 -0.68 20.60
C THR A 361 28.09 -0.69 19.13
N ALA A 362 28.02 -1.91 18.54
CA ALA A 362 27.67 -2.12 17.15
C ALA A 362 26.63 -3.25 17.09
N GLN A 363 25.79 -3.20 16.02
CA GLN A 363 24.69 -4.13 15.77
C GLN A 363 24.54 -4.39 14.28
N PHE A 364 24.26 -5.67 13.96
CA PHE A 364 23.71 -6.05 12.67
C PHE A 364 22.57 -7.02 12.91
N GLU A 365 21.53 -6.92 12.05
CA GLU A 365 20.32 -7.71 12.26
C GLU A 365 19.63 -7.98 10.91
N HIS A 366 19.16 -9.23 10.78
CA HIS A 366 18.26 -9.65 9.70
C HIS A 366 17.06 -10.39 10.28
N THR A 367 16.03 -10.44 9.42
CA THR A 367 14.88 -11.28 9.63
C THR A 367 14.98 -12.51 8.69
N ILE A 368 14.78 -13.68 9.27
CA ILE A 368 14.87 -14.95 8.54
C ILE A 368 13.55 -15.70 8.70
N LEU A 369 13.16 -16.38 7.61
CA LEU A 369 11.94 -17.19 7.62
C LEU A 369 12.36 -18.67 7.60
N LEU A 370 11.76 -19.49 8.46
CA LEU A 370 12.10 -20.91 8.49
C LEU A 370 11.06 -21.70 7.65
N ARG A 371 11.16 -21.47 6.35
CA ARG A 371 10.20 -21.95 5.35
C ARG A 371 10.38 -23.46 5.26
N PRO A 372 9.30 -24.24 4.94
CA PRO A 372 9.41 -25.71 4.92
C PRO A 372 10.55 -26.26 4.05
N THR A 373 10.99 -25.54 3.01
CA THR A 373 12.00 -26.06 2.08
C THR A 373 13.40 -25.45 2.19
N CYS A 374 13.56 -24.29 2.85
CA CYS A 374 14.86 -23.65 2.95
C CYS A 374 14.75 -22.55 4.03
N LYS A 375 15.89 -21.97 4.36
CA LYS A 375 15.96 -20.84 5.28
C LYS A 375 16.11 -19.62 4.40
N GLU A 376 15.24 -18.61 4.59
CA GLU A 376 15.32 -17.44 3.76
C GLU A 376 15.70 -16.23 4.63
N VAL A 377 16.86 -15.60 4.32
CA VAL A 377 17.31 -14.34 4.90
C VAL A 377 16.61 -13.26 4.08
N VAL A 378 15.36 -12.96 4.47
CA VAL A 378 14.48 -12.27 3.55
C VAL A 378 14.96 -10.84 3.36
N SER A 379 15.61 -10.28 4.45
CA SER A 379 16.11 -8.90 4.43
C SER A 379 17.53 -8.67 3.88
N ARG A 380 18.21 -9.74 3.46
CA ARG A 380 19.56 -9.66 2.89
C ARG A 380 19.58 -8.74 1.66
N GLY A 381 20.63 -7.94 1.60
CA GLY A 381 20.94 -7.09 0.48
C GLY A 381 22.37 -7.39 0.02
N ASP A 382 22.78 -6.63 -1.02
CA ASP A 382 24.15 -6.49 -1.49
C ASP A 382 25.00 -5.67 -0.53
N ASP A 383 24.36 -4.98 0.41
CA ASP A 383 25.02 -4.16 1.40
C ASP A 383 25.43 -5.01 2.61
N TYR A 384 24.51 -5.82 3.18
CA TYR A 384 24.82 -6.63 4.34
C TYR A 384 23.74 -7.69 4.51
N LYS B 16 -40.11 16.69 -26.91
CA LYS B 16 -39.00 15.69 -26.80
C LYS B 16 -38.80 15.40 -25.32
N VAL B 17 -39.26 14.21 -24.91
CA VAL B 17 -39.10 13.66 -23.55
C VAL B 17 -38.53 12.23 -23.69
N GLN B 18 -37.85 11.70 -22.66
CA GLN B 18 -37.19 10.40 -22.83
C GLN B 18 -38.21 9.23 -22.89
N THR B 19 -37.93 8.21 -23.71
CA THR B 19 -38.70 6.99 -23.71
C THR B 19 -38.30 6.05 -22.54
N ASP B 20 -39.13 5.02 -22.37
CA ASP B 20 -38.85 3.90 -21.47
C ASP B 20 -39.06 2.60 -22.27
N PRO B 21 -38.03 1.84 -22.75
CA PRO B 21 -36.60 2.06 -22.44
C PRO B 21 -36.03 3.35 -23.07
N PRO B 22 -34.97 4.01 -22.52
CA PRO B 22 -34.38 5.23 -23.14
C PRO B 22 -33.91 5.03 -24.59
N SER B 23 -34.21 5.96 -25.51
CA SER B 23 -33.85 5.77 -26.91
C SER B 23 -33.51 7.12 -27.56
N VAL B 24 -33.92 8.22 -26.92
CA VAL B 24 -33.66 9.54 -27.47
C VAL B 24 -32.23 9.95 -27.08
N PRO B 25 -31.41 10.32 -28.08
CA PRO B 25 -30.06 10.80 -27.77
C PRO B 25 -30.17 12.07 -26.91
N ILE B 26 -29.19 12.24 -26.02
CA ILE B 26 -29.12 13.36 -25.09
C ILE B 26 -29.03 14.66 -25.91
N CYS B 27 -28.30 14.61 -27.01
CA CYS B 27 -28.18 15.77 -27.88
C CYS B 27 -29.52 16.21 -28.53
N ASP B 28 -30.55 15.31 -28.59
CA ASP B 28 -31.85 15.62 -29.16
C ASP B 28 -32.84 15.94 -28.02
N LEU B 29 -32.54 15.37 -26.84
CA LEU B 29 -33.36 15.62 -25.66
C LEU B 29 -33.19 17.03 -25.16
N TYR B 30 -32.00 17.61 -25.34
CA TYR B 30 -31.72 18.99 -25.00
C TYR B 30 -31.36 19.70 -26.32
N PRO B 31 -32.36 19.94 -27.19
CA PRO B 31 -32.12 20.38 -28.58
C PRO B 31 -31.41 21.72 -28.71
N ASN B 32 -31.40 22.57 -27.65
CA ASN B 32 -30.57 23.79 -27.69
C ASN B 32 -29.08 23.53 -27.39
N GLY B 33 -28.72 22.27 -27.04
CA GLY B 33 -27.32 21.88 -26.92
C GLY B 33 -26.67 22.24 -25.61
N VAL B 34 -27.48 22.61 -24.61
CA VAL B 34 -27.01 23.01 -23.28
C VAL B 34 -27.49 21.91 -22.31
N PHE B 35 -26.52 21.22 -21.74
CA PHE B 35 -26.76 20.04 -20.95
C PHE B 35 -26.73 20.37 -19.44
N PRO B 36 -27.43 19.54 -18.64
CA PRO B 36 -27.57 19.79 -17.19
C PRO B 36 -26.26 19.79 -16.41
N LYS B 37 -26.08 20.77 -15.50
CA LYS B 37 -24.94 20.76 -14.59
C LYS B 37 -25.12 19.62 -13.58
N GLY B 38 -23.97 19.11 -13.13
CA GLY B 38 -23.91 18.22 -11.99
C GLY B 38 -24.04 19.04 -10.70
N GLN B 39 -23.70 18.35 -9.60
CA GLN B 39 -23.75 18.99 -8.27
C GLN B 39 -22.63 19.99 -8.19
N GLU B 40 -22.95 21.26 -7.88
CA GLU B 40 -21.83 22.20 -7.71
C GLU B 40 -21.59 22.49 -6.22
N CYS B 41 -20.31 22.54 -5.81
CA CYS B 41 -19.99 22.65 -4.39
C CYS B 41 -18.90 23.70 -4.25
N GLU B 42 -18.93 24.48 -3.16
CA GLU B 42 -17.78 25.27 -2.76
C GLU B 42 -16.62 24.34 -2.40
N TYR B 43 -15.40 24.83 -2.70
CA TYR B 43 -14.18 24.16 -2.35
C TYR B 43 -14.02 24.07 -0.83
N PRO B 44 -13.29 23.04 -0.31
CA PRO B 44 -13.05 22.94 1.14
C PRO B 44 -12.13 24.05 1.57
N PRO B 45 -12.04 24.38 2.89
CA PRO B 45 -11.08 25.38 3.32
C PRO B 45 -9.66 24.91 2.97
N THR B 46 -8.81 25.87 2.62
CA THR B 46 -7.37 25.67 2.45
C THR B 46 -6.79 25.21 3.79
N GLN B 47 -5.53 24.72 3.78
CA GLN B 47 -4.96 24.07 4.94
C GLN B 47 -4.74 25.11 6.06
N ASP B 48 -4.66 26.42 5.72
CA ASP B 48 -4.63 27.52 6.69
C ASP B 48 -5.96 27.75 7.45
N GLY B 49 -7.05 27.03 7.07
CA GLY B 49 -8.38 27.10 7.67
C GLY B 49 -9.30 28.15 7.03
N ARG B 50 -8.78 28.86 5.99
CA ARG B 50 -9.53 29.91 5.30
C ARG B 50 -10.54 29.35 4.29
N THR B 51 -11.71 30.02 4.25
CA THR B 51 -12.75 29.69 3.28
C THR B 51 -12.25 29.83 1.82
N ALA B 52 -12.79 28.98 0.93
CA ALA B 52 -12.61 29.09 -0.52
C ALA B 52 -13.79 29.78 -1.25
N ALA B 53 -14.71 30.45 -0.51
CA ALA B 53 -15.99 30.95 -1.00
C ALA B 53 -15.83 32.15 -1.95
N TRP B 54 -14.68 32.81 -1.90
CA TRP B 54 -14.38 33.90 -2.83
C TRP B 54 -14.42 33.45 -4.30
N ARG B 55 -14.19 32.14 -4.58
CA ARG B 55 -14.11 31.68 -5.97
C ARG B 55 -15.47 31.87 -6.64
N THR B 56 -16.53 31.60 -5.84
CA THR B 56 -17.94 31.64 -6.23
C THR B 56 -18.26 32.95 -6.96
N THR B 57 -17.73 34.08 -6.44
CA THR B 57 -18.09 35.43 -6.90
C THR B 57 -16.92 36.16 -7.58
N SER B 58 -15.74 35.53 -7.69
CA SER B 58 -14.61 36.15 -8.36
C SER B 58 -14.91 36.32 -9.85
N GLU B 59 -14.88 37.58 -10.34
CA GLU B 59 -15.02 37.92 -11.77
C GLU B 59 -13.89 37.30 -12.60
N GLU B 60 -12.66 37.28 -12.07
CA GLU B 60 -11.56 36.67 -12.78
C GLU B 60 -11.80 35.13 -12.90
N LYS B 61 -12.33 34.51 -11.85
CA LYS B 61 -12.56 33.06 -11.88
C LYS B 61 -13.75 32.71 -12.76
N LYS B 62 -14.82 33.55 -12.73
CA LYS B 62 -16.00 33.39 -13.56
C LYS B 62 -15.61 33.44 -15.04
N ALA B 63 -14.67 34.32 -15.41
CA ALA B 63 -14.25 34.45 -16.80
C ALA B 63 -13.46 33.22 -17.26
N LEU B 64 -12.53 32.74 -16.43
CA LEU B 64 -11.72 31.56 -16.70
C LEU B 64 -12.64 30.32 -16.84
N ASP B 65 -13.64 30.21 -15.94
CA ASP B 65 -14.64 29.15 -15.99
C ASP B 65 -15.40 29.17 -17.31
N GLN B 66 -15.88 30.34 -17.69
CA GLN B 66 -16.69 30.49 -18.89
C GLN B 66 -15.86 30.27 -20.17
N ALA B 67 -14.53 30.52 -20.15
CA ALA B 67 -13.71 30.25 -21.33
C ALA B 67 -13.67 28.73 -21.65
N SER B 68 -13.93 27.86 -20.66
CA SER B 68 -13.98 26.41 -20.84
C SER B 68 -15.41 25.82 -20.82
N GLU B 69 -16.46 26.64 -20.98
CA GLU B 69 -17.85 26.19 -20.92
C GLU B 69 -18.15 25.09 -21.98
N GLU B 70 -17.57 25.21 -23.18
CA GLU B 70 -17.71 24.20 -24.23
C GLU B 70 -17.31 22.82 -23.67
N ILE B 71 -16.19 22.79 -22.94
CA ILE B 71 -15.65 21.56 -22.38
C ILE B 71 -16.57 20.99 -21.30
N TRP B 72 -16.93 21.83 -20.32
CA TRP B 72 -17.81 21.39 -19.24
C TRP B 72 -19.11 20.85 -19.82
N ASN B 73 -19.62 21.54 -20.83
CA ASN B 73 -20.89 21.18 -21.45
C ASN B 73 -20.85 19.81 -22.15
N ASP B 74 -19.72 19.51 -22.79
CA ASP B 74 -19.53 18.16 -23.36
C ASP B 74 -19.47 17.08 -22.23
N PHE B 75 -18.80 17.34 -21.10
CA PHE B 75 -18.78 16.38 -19.98
C PHE B 75 -20.24 16.15 -19.53
N ARG B 76 -21.02 17.22 -19.44
CA ARG B 76 -22.38 17.16 -18.92
C ARG B 76 -23.31 16.35 -19.82
N GLU B 77 -23.16 16.45 -21.16
CA GLU B 77 -23.90 15.53 -22.04
C GLU B 77 -23.52 14.07 -21.75
N ALA B 78 -22.20 13.80 -21.67
CA ALA B 78 -21.77 12.45 -21.29
C ALA B 78 -22.33 11.98 -19.94
N ALA B 79 -22.34 12.88 -18.94
CA ALA B 79 -22.85 12.56 -17.63
C ALA B 79 -24.36 12.29 -17.63
N GLU B 80 -25.09 12.99 -18.48
CA GLU B 80 -26.55 12.82 -18.52
C GLU B 80 -26.83 11.47 -19.16
N ALA B 81 -26.06 11.12 -20.21
CA ALA B 81 -26.18 9.77 -20.74
C ALA B 81 -25.92 8.70 -19.68
N HIS B 82 -24.81 8.84 -18.95
CA HIS B 82 -24.47 7.91 -17.88
C HIS B 82 -25.60 7.73 -16.87
N ARG B 83 -26.16 8.86 -16.39
CA ARG B 83 -27.31 8.82 -15.48
C ARG B 83 -28.49 8.00 -16.04
N GLN B 84 -28.83 8.23 -17.29
CA GLN B 84 -29.99 7.57 -17.94
C GLN B 84 -29.76 6.09 -18.18
N VAL B 85 -28.53 5.72 -18.59
CA VAL B 85 -28.14 4.34 -18.77
C VAL B 85 -28.24 3.59 -17.44
N ARG B 86 -27.65 4.17 -16.41
CA ARG B 86 -27.55 3.38 -15.16
C ARG B 86 -28.94 3.20 -14.52
N LYS B 87 -29.77 4.27 -14.55
CA LYS B 87 -31.17 4.15 -14.12
C LYS B 87 -31.89 3.02 -14.85
N TYR B 88 -31.76 2.98 -16.18
CA TYR B 88 -32.29 1.88 -16.98
C TYR B 88 -31.72 0.55 -16.50
N VAL B 89 -30.38 0.41 -16.39
CA VAL B 89 -29.76 -0.82 -15.89
C VAL B 89 -30.41 -1.28 -14.55
N MET B 90 -30.61 -0.35 -13.61
CA MET B 90 -31.13 -0.72 -12.30
C MET B 90 -32.57 -1.23 -12.39
N SER B 91 -33.31 -0.76 -13.38
CA SER B 91 -34.69 -1.22 -13.58
C SER B 91 -34.80 -2.70 -14.01
N TRP B 92 -33.75 -3.34 -14.54
CA TRP B 92 -33.89 -4.70 -15.06
C TRP B 92 -32.83 -5.67 -14.54
N ILE B 93 -31.68 -5.20 -14.02
CA ILE B 93 -30.58 -6.13 -13.73
C ILE B 93 -31.03 -7.10 -12.60
N LYS B 94 -30.80 -8.39 -12.78
CA LYS B 94 -31.40 -9.38 -11.87
C LYS B 94 -30.61 -10.66 -11.98
N PRO B 95 -30.62 -11.54 -10.94
CA PRO B 95 -29.97 -12.84 -11.07
C PRO B 95 -30.57 -13.59 -12.26
N GLY B 96 -29.76 -14.43 -12.87
CA GLY B 96 -30.23 -15.33 -13.92
C GLY B 96 -29.84 -14.81 -15.30
N MET B 97 -29.50 -13.51 -15.38
CA MET B 97 -29.00 -12.94 -16.63
C MET B 97 -27.52 -13.30 -16.75
N THR B 98 -27.05 -13.55 -17.96
CA THR B 98 -25.62 -13.71 -18.15
C THR B 98 -24.95 -12.32 -18.08
N MET B 99 -23.64 -12.33 -17.84
CA MET B 99 -22.85 -11.12 -17.76
C MET B 99 -22.78 -10.51 -19.17
N ILE B 100 -22.77 -11.36 -20.21
CA ILE B 100 -22.79 -10.92 -21.60
C ILE B 100 -24.09 -10.20 -21.91
N GLU B 101 -25.23 -10.74 -21.46
CA GLU B 101 -26.52 -10.13 -21.65
C GLU B 101 -26.56 -8.74 -20.99
N ILE B 102 -26.03 -8.67 -19.75
CA ILE B 102 -26.05 -7.42 -18.99
C ILE B 102 -25.26 -6.35 -19.76
N CYS B 103 -24.05 -6.73 -20.16
CA CYS B 103 -23.14 -5.76 -20.78
C CYS B 103 -23.68 -5.31 -22.15
N GLU B 104 -24.21 -6.25 -22.95
CA GLU B 104 -24.76 -5.91 -24.26
C GLU B 104 -25.97 -5.00 -24.13
N LYS B 105 -26.83 -5.25 -23.15
CA LYS B 105 -28.03 -4.47 -22.98
C LYS B 105 -27.65 -3.05 -22.54
N LEU B 106 -26.69 -2.95 -21.60
CA LEU B 106 -26.21 -1.65 -21.10
C LEU B 106 -25.62 -0.86 -22.29
N GLU B 107 -24.70 -1.55 -23.00
CA GLU B 107 -23.93 -0.92 -24.08
C GLU B 107 -24.79 -0.49 -25.26
N ASP B 108 -25.78 -1.30 -25.65
CA ASP B 108 -26.74 -0.87 -26.67
C ASP B 108 -27.45 0.44 -26.30
N CYS B 109 -27.90 0.59 -25.04
CA CYS B 109 -28.51 1.86 -24.63
C CYS B 109 -27.49 3.00 -24.64
N SER B 110 -26.30 2.79 -24.00
CA SER B 110 -25.26 3.82 -23.93
C SER B 110 -24.97 4.37 -25.33
N ARG B 111 -24.80 3.48 -26.33
CA ARG B 111 -24.51 3.87 -27.70
C ARG B 111 -25.61 4.77 -28.27
N LYS B 112 -26.87 4.42 -27.98
CA LYS B 112 -27.96 5.23 -28.50
C LYS B 112 -28.01 6.63 -27.87
N LEU B 113 -27.81 6.70 -26.54
CA LEU B 113 -28.01 7.96 -25.80
C LEU B 113 -26.89 8.95 -26.06
N ILE B 114 -25.68 8.41 -26.27
CA ILE B 114 -24.50 9.23 -26.55
C ILE B 114 -24.40 9.67 -28.01
N LYS B 115 -25.18 9.04 -28.88
CA LYS B 115 -25.17 9.27 -30.34
C LYS B 115 -23.81 8.92 -30.90
N GLU B 116 -23.47 7.62 -30.69
CA GLU B 116 -22.17 7.10 -31.06
C GLU B 116 -21.83 7.42 -32.54
N ASN B 117 -20.61 7.91 -32.73
CA ASN B 117 -20.08 8.20 -34.05
C ASN B 117 -18.57 8.20 -33.94
N GLY B 118 -17.91 7.10 -34.30
CA GLY B 118 -16.44 7.05 -34.34
C GLY B 118 -15.81 7.48 -33.02
N LEU B 119 -14.84 8.41 -33.08
CA LEU B 119 -14.20 8.98 -31.91
C LEU B 119 -14.85 10.31 -31.52
N ASN B 120 -15.94 10.71 -32.24
CA ASN B 120 -16.59 11.96 -31.97
C ASN B 120 -17.46 11.89 -30.71
N ALA B 121 -18.07 10.72 -30.48
CA ALA B 121 -18.95 10.49 -29.36
C ALA B 121 -19.07 8.98 -29.23
N GLY B 122 -19.11 8.50 -28.01
CA GLY B 122 -19.12 7.07 -27.85
C GLY B 122 -18.93 6.54 -26.44
N LEU B 123 -18.47 5.28 -26.44
CA LEU B 123 -18.27 4.54 -25.20
C LEU B 123 -16.81 4.75 -24.80
N ALA B 124 -16.55 5.31 -23.59
CA ALA B 124 -15.19 5.64 -23.20
C ALA B 124 -14.31 4.44 -22.87
N PHE B 125 -14.92 3.33 -22.43
CA PHE B 125 -14.21 2.16 -22.02
C PHE B 125 -15.23 1.08 -21.78
N PRO B 126 -14.77 -0.21 -21.78
CA PRO B 126 -15.68 -1.34 -21.60
C PRO B 126 -16.46 -1.33 -20.31
N THR B 127 -17.61 -1.99 -20.38
CA THR B 127 -18.47 -2.16 -19.26
C THR B 127 -17.87 -3.13 -18.25
N GLY B 128 -17.35 -2.57 -17.16
CA GLY B 128 -16.96 -3.37 -16.01
C GLY B 128 -18.18 -3.91 -15.29
N CYS B 129 -18.06 -5.18 -14.89
CA CYS B 129 -19.08 -5.86 -14.10
C CYS B 129 -18.42 -6.88 -13.17
N SER B 130 -17.25 -6.49 -12.64
CA SER B 130 -16.44 -7.27 -11.72
C SER B 130 -17.27 -7.84 -10.56
N LEU B 131 -17.12 -9.17 -10.29
CA LEU B 131 -17.91 -9.87 -9.28
C LEU B 131 -17.09 -10.22 -8.04
N ASN B 132 -17.69 -9.98 -6.87
CA ASN B 132 -17.27 -10.65 -5.65
C ASN B 132 -15.87 -10.20 -5.24
N ASN B 133 -14.89 -11.12 -5.24
CA ASN B 133 -13.52 -10.75 -4.90
C ASN B 133 -12.88 -9.92 -6.01
N CYS B 134 -13.38 -10.01 -7.24
CA CYS B 134 -12.81 -9.18 -8.30
CA CYS B 134 -12.86 -9.18 -8.34
C CYS B 134 -13.38 -7.76 -8.18
N ALA B 135 -12.47 -6.79 -8.14
CA ALA B 135 -12.78 -5.41 -7.86
C ALA B 135 -13.00 -4.59 -9.15
N ALA B 136 -12.20 -4.88 -10.18
CA ALA B 136 -12.05 -4.01 -11.35
C ALA B 136 -11.58 -4.82 -12.58
N HIS B 137 -11.89 -4.25 -13.74
CA HIS B 137 -11.44 -4.73 -15.05
C HIS B 137 -11.86 -6.09 -15.53
N TYR B 138 -12.96 -6.64 -15.02
CA TYR B 138 -13.63 -7.75 -15.69
C TYR B 138 -14.80 -7.26 -16.54
N THR B 139 -14.82 -7.70 -17.81
CA THR B 139 -15.99 -7.69 -18.68
C THR B 139 -15.97 -9.08 -19.35
N PRO B 140 -17.10 -9.76 -19.66
CA PRO B 140 -17.02 -11.06 -20.34
C PRO B 140 -16.33 -10.96 -21.72
N ASN B 141 -15.56 -12.00 -22.07
CA ASN B 141 -15.21 -12.29 -23.47
C ASN B 141 -16.27 -13.21 -24.09
N ALA B 142 -16.18 -13.36 -25.43
CA ALA B 142 -16.98 -14.33 -26.15
C ALA B 142 -16.99 -15.66 -25.41
N GLY B 143 -18.20 -16.23 -25.20
CA GLY B 143 -18.28 -17.60 -24.70
C GLY B 143 -18.36 -17.70 -23.17
N ASP B 144 -18.21 -16.57 -22.47
CA ASP B 144 -18.30 -16.54 -21.02
C ASP B 144 -19.72 -16.92 -20.64
N THR B 145 -19.87 -18.04 -19.88
CA THR B 145 -21.21 -18.51 -19.47
C THR B 145 -21.59 -18.01 -18.06
N THR B 146 -20.75 -17.19 -17.43
CA THR B 146 -21.08 -16.62 -16.10
C THR B 146 -22.44 -15.97 -16.07
N VAL B 147 -23.19 -16.36 -15.01
CA VAL B 147 -24.52 -15.89 -14.73
C VAL B 147 -24.46 -15.09 -13.44
N LEU B 148 -25.17 -13.95 -13.42
CA LEU B 148 -25.27 -13.18 -12.19
C LEU B 148 -26.17 -13.92 -11.19
N GLN B 149 -25.68 -14.05 -9.94
CA GLN B 149 -26.30 -14.76 -8.81
C GLN B 149 -26.83 -13.78 -7.74
N TYR B 150 -27.87 -14.22 -7.01
CA TYR B 150 -28.44 -13.49 -5.88
C TYR B 150 -27.34 -13.00 -4.93
N ASP B 151 -26.28 -13.81 -4.73
CA ASP B 151 -25.27 -13.57 -3.70
C ASP B 151 -24.09 -12.75 -4.27
N ASP B 152 -24.15 -12.40 -5.56
CA ASP B 152 -23.08 -11.68 -6.21
C ASP B 152 -23.03 -10.22 -5.73
N ILE B 153 -21.80 -9.71 -5.65
CA ILE B 153 -21.59 -8.27 -5.50
C ILE B 153 -20.85 -7.72 -6.75
N CYS B 154 -21.57 -6.92 -7.54
CA CYS B 154 -21.16 -6.61 -8.92
C CYS B 154 -20.85 -5.13 -9.10
N LYS B 155 -19.64 -4.80 -9.58
CA LYS B 155 -19.28 -3.40 -9.73
C LYS B 155 -19.55 -3.02 -11.20
N ILE B 156 -20.55 -2.15 -11.43
CA ILE B 156 -20.87 -1.67 -12.77
C ILE B 156 -20.13 -0.36 -12.97
N ASP B 157 -19.09 -0.40 -13.78
CA ASP B 157 -18.20 0.71 -14.02
C ASP B 157 -18.12 0.91 -15.52
N PHE B 158 -18.77 1.98 -16.03
CA PHE B 158 -18.86 2.16 -17.48
C PHE B 158 -18.64 3.64 -17.76
N GLY B 159 -18.24 3.93 -19.01
CA GLY B 159 -17.95 5.32 -19.30
C GLY B 159 -18.43 5.73 -20.69
N THR B 160 -18.69 7.01 -20.77
CA THR B 160 -19.21 7.69 -21.94
C THR B 160 -18.28 8.88 -22.23
N HIS B 161 -18.29 9.33 -23.50
CA HIS B 161 -17.58 10.53 -23.87
C HIS B 161 -18.27 11.25 -25.01
N ILE B 162 -18.05 12.57 -24.99
CA ILE B 162 -18.37 13.47 -26.08
C ILE B 162 -17.04 14.18 -26.41
N SER B 163 -16.59 14.01 -27.68
CA SER B 163 -15.36 14.64 -28.16
C SER B 163 -14.16 14.34 -27.22
N GLY B 164 -14.10 13.12 -26.64
CA GLY B 164 -13.01 12.72 -25.77
C GLY B 164 -13.10 13.30 -24.32
N ARG B 165 -14.23 13.90 -23.99
CA ARG B 165 -14.50 14.33 -22.63
C ARG B 165 -15.23 13.19 -21.91
N ILE B 166 -14.47 12.53 -21.08
CA ILE B 166 -14.83 11.23 -20.52
C ILE B 166 -15.54 11.37 -19.18
N ILE B 167 -16.62 10.56 -19.02
CA ILE B 167 -17.22 10.24 -17.74
C ILE B 167 -16.86 8.82 -17.32
N ASP B 168 -16.17 8.76 -16.16
CA ASP B 168 -15.81 7.54 -15.47
C ASP B 168 -16.65 7.50 -14.17
N CYS B 169 -17.59 6.57 -14.11
CA CYS B 169 -18.52 6.59 -13.01
C CYS B 169 -19.09 5.21 -12.78
N ALA B 170 -19.15 4.83 -11.49
CA ALA B 170 -19.40 3.45 -11.09
C ALA B 170 -20.22 3.31 -9.81
N PHE B 171 -20.93 2.19 -9.73
CA PHE B 171 -21.67 1.81 -8.53
C PHE B 171 -21.60 0.30 -8.35
N THR B 172 -22.11 -0.14 -7.18
CA THR B 172 -22.12 -1.55 -6.81
C THR B 172 -23.55 -2.06 -6.70
N VAL B 173 -23.81 -3.19 -7.38
CA VAL B 173 -25.10 -3.85 -7.46
C VAL B 173 -25.05 -5.11 -6.56
N THR B 174 -26.09 -5.23 -5.72
CA THR B 174 -26.25 -6.44 -4.90
C THR B 174 -27.74 -6.77 -4.88
N PHE B 175 -28.07 -8.02 -4.43
CA PHE B 175 -29.47 -8.36 -4.18
C PHE B 175 -29.69 -8.83 -2.74
N ASN B 176 -28.61 -9.26 -2.11
CA ASN B 176 -28.63 -9.80 -0.75
C ASN B 176 -28.26 -8.65 0.20
N PRO B 177 -29.17 -8.32 1.14
CA PRO B 177 -28.90 -7.30 2.16
C PRO B 177 -27.67 -7.48 3.06
N LYS B 178 -26.97 -8.62 3.00
CA LYS B 178 -25.88 -8.90 3.93
C LYS B 178 -24.70 -8.00 3.59
N TYR B 179 -24.68 -7.47 2.37
CA TYR B 179 -23.60 -6.60 1.93
C TYR B 179 -23.90 -5.12 2.20
N ASP B 180 -25.07 -4.80 2.76
CA ASP B 180 -25.49 -3.40 2.84
C ASP B 180 -24.44 -2.53 3.53
N THR B 181 -23.84 -3.04 4.63
CA THR B 181 -22.92 -2.19 5.38
C THR B 181 -21.62 -1.96 4.61
N LEU B 182 -21.16 -2.95 3.84
CA LEU B 182 -19.99 -2.75 2.99
C LEU B 182 -20.23 -1.65 1.91
N LEU B 183 -21.41 -1.67 1.31
CA LEU B 183 -21.81 -0.72 0.29
C LEU B 183 -21.90 0.67 0.92
N LYS B 184 -22.50 0.76 2.11
CA LYS B 184 -22.55 2.04 2.83
C LYS B 184 -21.16 2.63 3.11
N ALA B 185 -20.20 1.79 3.55
CA ALA B 185 -18.84 2.22 3.88
C ALA B 185 -18.21 2.82 2.64
N VAL B 186 -18.31 2.08 1.51
CA VAL B 186 -17.60 2.52 0.32
C VAL B 186 -18.22 3.80 -0.27
N LYS B 187 -19.55 3.88 -0.28
CA LYS B 187 -20.19 5.11 -0.74
C LYS B 187 -19.81 6.32 0.09
N ASP B 188 -19.80 6.15 1.42
CA ASP B 188 -19.41 7.19 2.37
C ASP B 188 -17.98 7.57 2.09
N ALA B 189 -17.15 6.53 1.86
CA ALA B 189 -15.75 6.84 1.61
C ALA B 189 -15.59 7.66 0.35
N THR B 190 -16.27 7.24 -0.73
CA THR B 190 -16.23 8.01 -1.98
C THR B 190 -16.71 9.45 -1.82
N ASN B 191 -17.87 9.66 -1.20
CA ASN B 191 -18.45 10.96 -0.92
C ASN B 191 -17.48 11.80 -0.08
N THR B 192 -16.74 11.16 0.87
CA THR B 192 -15.78 11.84 1.71
C THR B 192 -14.59 12.34 0.89
N GLY B 193 -14.10 11.46 0.02
CA GLY B 193 -13.04 11.81 -0.92
C GLY B 193 -13.43 12.99 -1.81
N ILE B 194 -14.67 12.99 -2.34
CA ILE B 194 -15.17 14.02 -3.23
C ILE B 194 -15.18 15.35 -2.49
N LYS B 195 -15.68 15.25 -1.24
CA LYS B 195 -15.65 16.45 -0.39
C LYS B 195 -14.27 16.97 -0.07
N CYS B 196 -13.28 16.08 0.20
CA CYS B 196 -11.92 16.50 0.51
C CYS B 196 -11.18 17.09 -0.73
N ALA B 197 -11.53 16.65 -1.96
CA ALA B 197 -10.91 17.14 -3.18
C ALA B 197 -11.01 18.65 -3.34
N GLY B 198 -9.93 19.22 -3.83
CA GLY B 198 -10.04 20.61 -4.28
C GLY B 198 -8.68 21.08 -4.81
N ILE B 199 -8.70 22.28 -5.31
CA ILE B 199 -7.50 22.89 -5.84
C ILE B 199 -6.49 23.10 -4.70
N ASP B 200 -5.23 22.72 -4.98
CA ASP B 200 -4.09 22.77 -4.06
C ASP B 200 -4.15 21.71 -2.96
N VAL B 201 -5.13 20.79 -2.99
CA VAL B 201 -5.19 19.72 -1.98
C VAL B 201 -4.19 18.63 -2.40
N ARG B 202 -3.41 18.12 -1.45
CA ARG B 202 -2.57 17.00 -1.77
C ARG B 202 -3.38 15.70 -1.95
N LEU B 203 -3.03 14.95 -2.98
CA LEU B 203 -3.72 13.70 -3.24
C LEU B 203 -3.67 12.74 -2.02
N CYS B 204 -2.50 12.60 -1.30
CA CYS B 204 -2.47 11.69 -0.16
C CYS B 204 -3.39 12.15 0.99
N ASP B 205 -3.72 13.46 1.08
CA ASP B 205 -4.70 13.94 2.06
C ASP B 205 -6.13 13.52 1.71
N VAL B 206 -6.43 13.38 0.41
CA VAL B 206 -7.71 12.83 0.02
C VAL B 206 -7.72 11.39 0.42
N GLY B 207 -6.58 10.69 0.19
CA GLY B 207 -6.47 9.31 0.59
C GLY B 207 -6.65 9.17 2.10
N GLU B 208 -6.09 10.09 2.88
CA GLU B 208 -6.25 10.00 4.34
C GLU B 208 -7.72 10.07 4.82
N ALA B 209 -8.49 11.02 4.27
CA ALA B 209 -9.90 11.18 4.58
C ALA B 209 -10.66 9.92 4.24
N ILE B 210 -10.33 9.33 3.07
CA ILE B 210 -11.02 8.15 2.60
C ILE B 210 -10.72 7.02 3.58
N GLN B 211 -9.44 6.84 3.94
CA GLN B 211 -9.08 5.66 4.70
C GLN B 211 -9.74 5.76 6.08
N GLU B 212 -9.90 6.98 6.56
CA GLU B 212 -10.49 7.21 7.90
C GLU B 212 -11.95 6.74 7.96
N VAL B 213 -12.68 6.97 6.85
CA VAL B 213 -14.06 6.51 6.69
C VAL B 213 -14.14 4.98 6.60
N MET B 214 -13.35 4.33 5.72
CA MET B 214 -13.36 2.88 5.63
C MET B 214 -12.97 2.20 6.93
N GLU B 215 -11.89 2.66 7.55
CA GLU B 215 -11.46 2.14 8.85
C GLU B 215 -12.62 2.03 9.83
N SER B 216 -13.59 2.96 9.74
CA SER B 216 -14.61 3.16 10.74
C SER B 216 -15.74 2.14 10.55
N TYR B 217 -15.67 1.30 9.48
CA TYR B 217 -16.66 0.26 9.29
C TYR B 217 -16.09 -1.14 9.49
N GLU B 218 -16.95 -1.96 10.14
CA GLU B 218 -16.89 -3.41 10.17
C GLU B 218 -18.22 -3.97 9.67
N VAL B 219 -18.12 -5.15 9.04
CA VAL B 219 -19.25 -5.80 8.44
C VAL B 219 -19.25 -7.25 8.90
N GLU B 220 -20.46 -7.77 9.10
CA GLU B 220 -20.58 -9.18 9.43
C GLU B 220 -21.23 -9.86 8.24
N ILE B 221 -20.49 -10.74 7.57
CA ILE B 221 -20.96 -11.51 6.44
C ILE B 221 -20.65 -12.98 6.74
N ASP B 222 -21.67 -13.84 6.54
CA ASP B 222 -21.57 -15.30 6.65
C ASP B 222 -21.00 -15.69 8.03
N GLY B 223 -21.42 -14.96 9.08
CA GLY B 223 -21.06 -15.27 10.45
C GLY B 223 -19.68 -14.77 10.87
N LYS B 224 -18.97 -14.04 10.00
CA LYS B 224 -17.62 -13.56 10.28
C LYS B 224 -17.61 -12.03 10.29
N THR B 225 -16.79 -11.46 11.18
CA THR B 225 -16.67 -10.01 11.24
C THR B 225 -15.38 -9.58 10.54
N TYR B 226 -15.48 -8.58 9.64
CA TYR B 226 -14.37 -8.14 8.83
C TYR B 226 -14.21 -6.63 8.98
N GLN B 227 -12.93 -6.22 9.11
CA GLN B 227 -12.57 -4.82 9.05
C GLN B 227 -12.63 -4.40 7.57
N VAL B 228 -13.36 -3.30 7.28
CA VAL B 228 -13.43 -2.85 5.89
C VAL B 228 -12.08 -2.21 5.59
N LYS B 229 -11.46 -2.69 4.52
CA LYS B 229 -10.15 -2.18 4.13
C LYS B 229 -10.31 -1.45 2.81
N PRO B 230 -9.66 -0.29 2.63
CA PRO B 230 -9.49 0.28 1.30
C PRO B 230 -8.55 -0.65 0.55
N ILE B 231 -8.71 -0.73 -0.77
CA ILE B 231 -7.84 -1.56 -1.57
C ILE B 231 -6.62 -0.69 -1.85
N ARG B 232 -5.52 -1.04 -1.16
CA ARG B 232 -4.44 -0.10 -1.03
C ARG B 232 -3.76 0.14 -2.38
N ASN B 233 -3.68 -0.93 -3.23
CA ASN B 233 -3.00 -0.84 -4.54
C ASN B 233 -3.91 -0.41 -5.71
N LEU B 234 -5.14 0.07 -5.42
CA LEU B 234 -6.03 0.74 -6.39
C LEU B 234 -6.11 2.20 -6.06
N ASN B 235 -6.37 3.00 -7.10
CA ASN B 235 -6.41 4.45 -7.04
C ASN B 235 -7.50 5.01 -7.94
N GLY B 236 -7.94 6.24 -7.62
CA GLY B 236 -8.56 7.14 -8.58
C GLY B 236 -7.48 7.76 -9.49
N HIS B 237 -7.88 8.75 -10.29
CA HIS B 237 -6.97 9.22 -11.36
C HIS B 237 -7.49 10.47 -11.99
N SER B 238 -6.55 11.32 -12.47
CA SER B 238 -6.85 12.40 -13.36
C SER B 238 -7.19 11.81 -14.77
N ILE B 239 -7.99 12.62 -15.44
CA ILE B 239 -8.57 12.38 -16.75
C ILE B 239 -8.13 13.52 -17.67
N GLY B 240 -7.71 13.13 -18.91
CA GLY B 240 -7.48 14.09 -19.98
C GLY B 240 -8.23 13.70 -21.28
N GLN B 241 -8.16 14.54 -22.30
CA GLN B 241 -8.90 14.29 -23.55
C GLN B 241 -8.46 12.97 -24.20
N TYR B 242 -9.44 12.03 -24.33
CA TYR B 242 -9.21 10.65 -24.79
C TYR B 242 -8.18 9.91 -23.96
N ARG B 243 -7.96 10.40 -22.72
CA ARG B 243 -6.96 9.86 -21.85
C ARG B 243 -7.52 9.53 -20.46
N ILE B 244 -7.97 8.30 -20.28
CA ILE B 244 -8.65 7.94 -19.05
C ILE B 244 -7.75 8.11 -17.81
N HIS B 245 -6.45 7.80 -17.98
CA HIS B 245 -5.48 7.91 -16.88
C HIS B 245 -4.46 8.96 -17.30
N ALA B 246 -4.66 10.21 -16.88
CA ALA B 246 -3.78 11.30 -17.28
C ALA B 246 -2.54 11.53 -16.37
N GLY B 247 -2.19 10.58 -15.52
CA GLY B 247 -0.84 10.60 -14.94
C GLY B 247 -0.78 10.94 -13.45
N LYS B 248 -1.83 11.53 -12.87
CA LYS B 248 -1.95 11.64 -11.41
C LYS B 248 -2.87 10.59 -10.84
N THR B 249 -2.51 10.05 -9.65
CA THR B 249 -3.35 9.05 -8.99
C THR B 249 -3.94 9.70 -7.76
N VAL B 250 -5.17 9.30 -7.47
CA VAL B 250 -5.84 9.69 -6.23
C VAL B 250 -5.84 8.47 -5.33
N PRO B 251 -4.91 8.38 -4.32
CA PRO B 251 -4.88 7.19 -3.49
C PRO B 251 -6.10 7.23 -2.58
N ILE B 252 -6.40 6.04 -2.05
CA ILE B 252 -7.52 5.82 -1.17
C ILE B 252 -6.95 5.44 0.24
N VAL B 253 -5.64 5.71 0.41
CA VAL B 253 -4.86 5.53 1.65
C VAL B 253 -3.96 6.74 1.83
N LYS B 254 -3.45 6.90 3.08
CA LYS B 254 -2.60 8.03 3.43
C LYS B 254 -1.28 7.99 2.64
N GLY B 255 -0.74 6.76 2.45
CA GLY B 255 0.62 6.50 1.96
C GLY B 255 0.85 6.73 0.46
N GLY B 256 -0.17 7.26 -0.26
CA GLY B 256 -0.09 7.59 -1.69
C GLY B 256 0.67 8.89 -1.94
N GLU B 257 0.65 9.37 -3.21
CA GLU B 257 1.46 10.53 -3.62
C GLU B 257 0.98 11.86 -3.00
N ALA B 258 1.95 12.75 -2.69
CA ALA B 258 1.79 14.07 -2.03
C ALA B 258 1.48 15.19 -3.01
N THR B 259 1.68 14.92 -4.33
CA THR B 259 1.37 15.86 -5.43
C THR B 259 0.01 16.53 -5.20
N ARG B 260 -0.12 17.81 -5.51
CA ARG B 260 -1.34 18.59 -5.33
C ARG B 260 -2.25 18.54 -6.58
N MET B 261 -3.57 18.57 -6.35
CA MET B 261 -4.57 18.81 -7.39
C MET B 261 -4.49 20.28 -7.82
N GLU B 262 -4.85 20.54 -9.09
CA GLU B 262 -4.74 21.85 -9.72
C GLU B 262 -6.06 22.28 -10.39
N GLU B 263 -6.23 23.61 -10.46
CA GLU B 263 -7.37 24.21 -11.13
C GLU B 263 -7.52 23.70 -12.59
N GLY B 264 -8.75 23.43 -13.03
CA GLY B 264 -9.00 22.97 -14.39
C GLY B 264 -8.80 21.46 -14.63
N GLU B 265 -8.23 20.69 -13.70
CA GLU B 265 -8.14 19.24 -13.81
C GLU B 265 -9.52 18.60 -13.65
N VAL B 266 -9.56 17.32 -14.04
CA VAL B 266 -10.72 16.44 -14.00
C VAL B 266 -10.19 15.17 -13.37
N TYR B 267 -10.93 14.71 -12.33
CA TYR B 267 -10.57 13.54 -11.60
C TYR B 267 -11.75 12.56 -11.57
N ALA B 268 -11.36 11.31 -11.66
CA ALA B 268 -12.17 10.20 -11.23
C ALA B 268 -11.81 9.95 -9.74
N ILE B 269 -12.81 10.22 -8.90
CA ILE B 269 -12.69 9.91 -7.47
C ILE B 269 -13.45 8.63 -7.22
N GLU B 270 -12.71 7.55 -6.93
CA GLU B 270 -13.30 6.25 -6.72
C GLU B 270 -12.65 5.63 -5.49
N THR B 271 -13.44 4.84 -4.77
CA THR B 271 -12.88 4.05 -3.71
C THR B 271 -13.36 2.63 -3.86
N PHE B 272 -12.52 1.71 -3.36
CA PHE B 272 -12.75 0.29 -3.33
C PHE B 272 -12.54 -0.16 -1.89
N GLY B 273 -13.56 -0.84 -1.38
CA GLY B 273 -13.49 -1.49 -0.06
C GLY B 273 -13.52 -3.00 -0.22
N SER B 274 -12.81 -3.71 0.70
CA SER B 274 -12.60 -5.14 0.65
C SER B 274 -12.70 -5.75 2.06
N THR B 275 -13.33 -6.92 2.16
CA THR B 275 -13.28 -7.79 3.33
C THR B 275 -12.03 -8.69 3.35
N GLY B 276 -11.23 -8.66 2.27
CA GLY B 276 -10.11 -9.59 2.07
C GLY B 276 -8.83 -8.97 2.61
N LYS B 277 -7.73 -9.13 1.84
CA LYS B 277 -6.43 -8.57 2.23
C LYS B 277 -6.37 -7.08 2.01
N GLY B 278 -7.23 -6.48 1.15
CA GLY B 278 -7.06 -5.06 0.81
C GLY B 278 -6.06 -4.80 -0.31
N VAL B 279 -5.75 -5.87 -1.04
CA VAL B 279 -4.81 -5.82 -2.15
C VAL B 279 -5.35 -6.68 -3.27
N VAL B 280 -5.10 -6.23 -4.52
CA VAL B 280 -5.60 -6.96 -5.68
C VAL B 280 -4.44 -7.56 -6.49
N HIS B 281 -4.72 -8.72 -7.10
CA HIS B 281 -3.83 -9.36 -8.06
C HIS B 281 -4.59 -9.71 -9.36
N ASP B 282 -3.84 -9.97 -10.43
CA ASP B 282 -4.39 -10.27 -11.75
C ASP B 282 -5.00 -11.65 -11.78
N ASP B 283 -6.14 -11.79 -12.42
CA ASP B 283 -6.77 -13.10 -12.35
C ASP B 283 -7.73 -13.26 -13.50
N MET B 284 -7.90 -14.52 -13.95
CA MET B 284 -8.94 -14.86 -14.92
C MET B 284 -8.44 -14.41 -16.31
N GLU B 285 -9.32 -14.54 -17.32
CA GLU B 285 -8.94 -14.13 -18.66
C GLU B 285 -8.93 -12.58 -18.71
N CYS B 286 -7.92 -12.03 -19.39
CA CYS B 286 -7.87 -10.61 -19.72
C CYS B 286 -8.88 -10.24 -20.84
N SER B 287 -9.67 -9.16 -20.63
CA SER B 287 -10.72 -8.72 -21.56
C SER B 287 -10.39 -7.33 -22.06
N HIS B 288 -9.72 -6.54 -21.18
CA HIS B 288 -9.53 -5.11 -21.38
C HIS B 288 -8.13 -4.82 -21.92
N TYR B 289 -8.04 -3.84 -22.81
CA TYR B 289 -6.81 -3.41 -23.46
C TYR B 289 -6.89 -1.93 -23.82
N MET B 290 -5.75 -1.29 -23.99
CA MET B 290 -5.77 0.10 -24.36
C MET B 290 -4.45 0.47 -25.00
N LYS B 291 -4.58 1.30 -26.05
CA LYS B 291 -3.42 1.84 -26.74
C LYS B 291 -2.73 2.91 -25.88
N ASN B 292 -1.39 2.75 -25.79
CA ASN B 292 -0.52 3.71 -25.08
C ASN B 292 -0.39 5.00 -25.85
N PHE B 293 -0.18 6.11 -25.13
CA PHE B 293 -0.23 7.44 -25.73
C PHE B 293 0.99 7.85 -26.55
N ASP B 294 2.20 7.40 -26.22
CA ASP B 294 3.38 8.04 -26.79
C ASP B 294 4.04 7.20 -27.87
N VAL B 295 3.72 5.91 -27.87
CA VAL B 295 4.32 4.94 -28.77
C VAL B 295 3.75 5.22 -30.17
N GLY B 296 4.45 6.06 -30.95
CA GLY B 296 3.90 6.72 -32.12
C GLY B 296 4.53 6.31 -33.46
N HIS B 297 5.71 5.68 -33.47
CA HIS B 297 6.23 5.16 -34.73
C HIS B 297 7.00 3.86 -34.51
N VAL B 298 6.72 3.13 -33.41
CA VAL B 298 7.29 1.80 -33.21
C VAL B 298 6.90 0.96 -34.44
N PRO B 299 7.85 0.64 -35.38
CA PRO B 299 7.45 0.09 -36.68
C PRO B 299 6.90 -1.33 -36.53
N ILE B 300 6.02 -1.72 -37.49
CA ILE B 300 5.30 -2.98 -37.44
C ILE B 300 5.57 -3.75 -38.72
N ARG B 301 5.93 -5.01 -38.55
CA ARG B 301 6.26 -5.82 -39.72
C ARG B 301 5.13 -6.76 -40.12
N LEU B 302 4.44 -7.42 -39.16
CA LEU B 302 3.44 -8.40 -39.55
C LEU B 302 2.16 -7.72 -40.06
N PRO B 303 1.66 -8.07 -41.26
CA PRO B 303 0.39 -7.53 -41.75
C PRO B 303 -0.84 -7.64 -40.83
N ARG B 304 -1.09 -8.82 -40.25
CA ARG B 304 -2.22 -8.98 -39.37
C ARG B 304 -2.14 -8.01 -38.18
N THR B 305 -0.91 -7.74 -37.70
CA THR B 305 -0.68 -6.85 -36.57
C THR B 305 -0.95 -5.41 -37.00
N LYS B 306 -0.45 -5.07 -38.21
CA LYS B 306 -0.67 -3.74 -38.73
C LYS B 306 -2.16 -3.50 -38.96
N HIS B 307 -2.88 -4.51 -39.48
CA HIS B 307 -4.32 -4.33 -39.65
C HIS B 307 -5.04 -4.14 -38.28
N LEU B 308 -4.75 -5.00 -37.31
CA LEU B 308 -5.36 -4.88 -35.98
C LEU B 308 -5.09 -3.48 -35.42
N LEU B 309 -3.87 -2.97 -35.54
CA LEU B 309 -3.63 -1.61 -35.11
C LEU B 309 -4.49 -0.57 -35.85
N ASN B 310 -4.59 -0.69 -37.18
CA ASN B 310 -5.45 0.21 -37.95
C ASN B 310 -6.89 0.22 -37.39
N VAL B 311 -7.40 -0.95 -37.04
CA VAL B 311 -8.78 -1.08 -36.58
C VAL B 311 -8.89 -0.39 -35.19
N ILE B 312 -7.90 -0.66 -34.34
CA ILE B 312 -7.84 0.02 -33.01
C ILE B 312 -7.80 1.56 -33.19
N ASN B 313 -6.91 2.04 -34.03
CA ASN B 313 -6.81 3.45 -34.39
C ASN B 313 -8.10 4.09 -34.87
N GLU B 314 -8.81 3.40 -35.75
CA GLU B 314 -10.04 3.94 -36.32
C GLU B 314 -11.18 3.99 -35.31
N ASN B 315 -11.27 3.00 -34.45
CA ASN B 315 -12.46 2.74 -33.66
C ASN B 315 -12.26 3.22 -32.23
N PHE B 316 -11.00 3.16 -31.70
CA PHE B 316 -10.78 3.42 -30.28
C PHE B 316 -9.82 4.56 -30.02
N GLY B 317 -8.87 4.77 -30.96
CA GLY B 317 -7.70 5.58 -30.65
C GLY B 317 -7.00 5.17 -29.33
N THR B 318 -6.99 6.07 -28.35
CA THR B 318 -6.36 5.84 -27.06
C THR B 318 -7.38 5.45 -25.97
N LEU B 319 -8.66 5.34 -26.34
CA LEU B 319 -9.69 4.81 -25.46
C LEU B 319 -9.53 3.31 -25.28
N ALA B 320 -9.82 2.85 -24.03
CA ALA B 320 -9.88 1.44 -23.73
C ALA B 320 -10.97 0.72 -24.53
N PHE B 321 -10.63 -0.57 -24.81
CA PHE B 321 -11.48 -1.50 -25.54
C PHE B 321 -11.39 -2.88 -24.90
N CYS B 322 -12.26 -3.72 -25.44
CA CYS B 322 -12.28 -5.09 -25.01
C CYS B 322 -12.41 -6.02 -26.23
N ARG B 323 -12.20 -7.32 -25.96
CA ARG B 323 -12.22 -8.29 -27.04
C ARG B 323 -13.60 -8.37 -27.69
N ARG B 324 -14.71 -8.29 -26.95
CA ARG B 324 -16.06 -8.28 -27.50
C ARG B 324 -16.24 -7.15 -28.50
N TRP B 325 -15.58 -6.01 -28.26
CA TRP B 325 -15.64 -4.87 -29.19
C TRP B 325 -14.78 -5.00 -30.46
N LEU B 326 -13.79 -5.91 -30.48
CA LEU B 326 -13.15 -6.33 -31.72
C LEU B 326 -14.00 -7.35 -32.46
N ASP B 327 -14.55 -8.31 -31.72
CA ASP B 327 -15.43 -9.30 -32.31
C ASP B 327 -16.53 -8.61 -33.12
N ARG B 328 -17.24 -7.66 -32.53
CA ARG B 328 -18.39 -7.09 -33.23
C ARG B 328 -17.95 -6.27 -34.43
N LEU B 329 -16.67 -5.88 -34.54
CA LEU B 329 -16.18 -5.23 -35.74
C LEU B 329 -15.81 -6.24 -36.87
N GLY B 330 -16.13 -7.52 -36.67
CA GLY B 330 -15.81 -8.62 -37.56
C GLY B 330 -14.32 -9.02 -37.58
N GLU B 331 -13.59 -8.73 -36.50
CA GLU B 331 -12.22 -9.17 -36.41
C GLU B 331 -12.19 -10.55 -35.76
N SER B 332 -11.43 -11.47 -36.34
CA SER B 332 -11.27 -12.77 -35.72
C SER B 332 -9.81 -13.22 -35.82
N LYS B 333 -9.49 -14.23 -34.99
CA LYS B 333 -8.16 -14.82 -34.98
C LYS B 333 -7.10 -13.74 -34.73
N TYR B 334 -7.32 -12.82 -33.74
CA TYR B 334 -6.48 -11.62 -33.54
C TYR B 334 -5.67 -11.71 -32.24
N LEU B 335 -5.83 -12.76 -31.42
CA LEU B 335 -5.22 -12.78 -30.10
C LEU B 335 -3.69 -12.76 -30.19
N MET B 336 -3.15 -13.53 -31.16
CA MET B 336 -1.72 -13.51 -31.39
C MET B 336 -1.23 -12.12 -31.82
N ALA B 337 -1.99 -11.37 -32.66
CA ALA B 337 -1.62 -10.03 -33.10
C ALA B 337 -1.74 -8.99 -31.97
N LEU B 338 -2.79 -9.17 -31.14
CA LEU B 338 -2.99 -8.31 -29.97
C LEU B 338 -1.85 -8.56 -28.99
N LYS B 339 -1.47 -9.84 -28.77
CA LYS B 339 -0.29 -10.12 -27.93
C LYS B 339 0.93 -9.41 -28.51
N ASN B 340 1.11 -9.51 -29.84
CA ASN B 340 2.16 -8.79 -30.54
C ASN B 340 2.18 -7.29 -30.22
N LEU B 341 1.02 -6.61 -30.32
CA LEU B 341 0.96 -5.17 -29.98
C LEU B 341 1.34 -4.94 -28.49
N CYS B 342 0.89 -5.84 -27.60
CA CYS B 342 1.28 -5.82 -26.19
C CYS B 342 2.82 -5.94 -26.07
N ASP B 343 3.39 -7.01 -26.65
CA ASP B 343 4.85 -7.25 -26.60
C ASP B 343 5.59 -6.02 -27.17
N LEU B 344 5.09 -5.36 -28.23
CA LEU B 344 5.75 -4.16 -28.80
C LEU B 344 5.61 -2.89 -27.96
N GLY B 345 4.81 -2.94 -26.85
CA GLY B 345 4.51 -1.77 -26.02
C GLY B 345 3.54 -0.74 -26.65
N ILE B 346 2.83 -1.10 -27.75
CA ILE B 346 1.87 -0.16 -28.38
C ILE B 346 0.58 -0.18 -27.56
N VAL B 347 0.18 -1.38 -27.16
CA VAL B 347 -1.02 -1.63 -26.37
C VAL B 347 -0.61 -2.23 -25.00
N ASP B 348 -1.39 -1.93 -23.92
CA ASP B 348 -1.34 -2.61 -22.62
C ASP B 348 -2.60 -3.41 -22.30
N PRO B 349 -2.42 -4.58 -21.69
CA PRO B 349 -3.52 -5.38 -21.19
C PRO B 349 -3.85 -4.87 -19.77
N TYR B 350 -5.14 -4.95 -19.37
CA TYR B 350 -5.63 -4.62 -18.02
C TYR B 350 -6.47 -5.77 -17.53
N PRO B 351 -5.76 -6.79 -16.97
CA PRO B 351 -6.41 -8.04 -16.54
C PRO B 351 -7.32 -7.78 -15.36
N PRO B 352 -8.34 -8.63 -15.07
CA PRO B 352 -9.13 -8.44 -13.85
C PRO B 352 -8.29 -8.43 -12.57
N LEU B 353 -8.68 -7.49 -11.66
CA LEU B 353 -7.93 -7.26 -10.43
C LEU B 353 -8.80 -7.76 -9.27
N CYS B 354 -8.27 -8.72 -8.50
CA CYS B 354 -9.08 -9.55 -7.62
C CYS B 354 -8.33 -9.69 -6.29
N ASP B 355 -9.09 -9.52 -5.20
CA ASP B 355 -8.60 -9.82 -3.86
C ASP B 355 -8.72 -11.34 -3.70
N ILE B 356 -8.54 -11.82 -2.46
CA ILE B 356 -8.41 -13.26 -2.25
C ILE B 356 -9.75 -13.96 -2.49
N LYS B 357 -9.65 -15.25 -2.88
CA LYS B 357 -10.85 -16.07 -3.00
C LYS B 357 -11.68 -15.86 -1.73
N GLY B 358 -13.01 -15.68 -1.91
CA GLY B 358 -13.96 -15.66 -0.83
C GLY B 358 -14.15 -14.25 -0.23
N SER B 359 -13.29 -13.30 -0.59
CA SER B 359 -13.43 -11.87 -0.23
C SER B 359 -14.48 -11.14 -1.10
N TYR B 360 -14.96 -10.02 -0.51
CA TYR B 360 -16.00 -9.19 -1.11
C TYR B 360 -15.45 -7.76 -1.29
N THR B 361 -15.60 -7.24 -2.53
CA THR B 361 -15.14 -5.90 -2.90
C THR B 361 -16.30 -5.04 -3.46
N ALA B 362 -16.31 -3.77 -3.05
CA ALA B 362 -17.31 -2.81 -3.49
C ALA B 362 -16.58 -1.54 -3.93
N GLN B 363 -17.26 -0.80 -4.85
CA GLN B 363 -16.78 0.42 -5.47
C GLN B 363 -17.92 1.45 -5.70
N PHE B 364 -17.59 2.75 -5.51
CA PHE B 364 -18.38 3.86 -6.01
C PHE B 364 -17.39 4.85 -6.61
N GLU B 365 -17.83 5.51 -7.70
CA GLU B 365 -16.98 6.44 -8.41
C GLU B 365 -17.82 7.57 -9.04
N HIS B 366 -17.20 8.77 -9.07
CA HIS B 366 -17.72 9.90 -9.79
C HIS B 366 -16.57 10.61 -10.48
N THR B 367 -17.01 11.30 -11.53
CA THR B 367 -16.15 12.27 -12.21
C THR B 367 -16.42 13.70 -11.67
N ILE B 368 -15.32 14.41 -11.29
CA ILE B 368 -15.41 15.78 -10.83
C ILE B 368 -14.56 16.69 -11.74
N LEU B 369 -15.08 17.86 -11.89
CA LEU B 369 -14.47 19.02 -12.59
C LEU B 369 -13.98 20.03 -11.54
N LEU B 370 -12.67 20.32 -11.56
CA LEU B 370 -12.09 21.30 -10.63
C LEU B 370 -12.15 22.65 -11.36
N ARG B 371 -13.37 23.15 -11.50
CA ARG B 371 -13.62 24.37 -12.21
C ARG B 371 -13.08 25.57 -11.40
N PRO B 372 -12.75 26.72 -12.05
CA PRO B 372 -12.24 27.92 -11.32
C PRO B 372 -13.10 28.45 -10.18
N THR B 373 -14.42 28.47 -10.41
CA THR B 373 -15.42 28.99 -9.49
C THR B 373 -15.97 27.96 -8.48
N CYS B 374 -15.80 26.65 -8.72
CA CYS B 374 -16.51 25.65 -7.93
C CYS B 374 -16.07 24.27 -8.39
N LYS B 375 -16.42 23.29 -7.53
CA LYS B 375 -16.15 21.91 -7.78
C LYS B 375 -17.45 21.33 -8.31
N GLU B 376 -17.44 20.70 -9.50
CA GLU B 376 -18.71 20.15 -9.97
C GLU B 376 -18.65 18.62 -9.98
N VAL B 377 -19.59 17.99 -9.28
CA VAL B 377 -19.66 16.53 -9.32
C VAL B 377 -20.54 16.14 -10.49
N VAL B 378 -19.91 16.15 -11.69
CA VAL B 378 -20.63 16.21 -12.93
C VAL B 378 -21.54 15.01 -13.15
N SER B 379 -21.14 13.82 -12.64
CA SER B 379 -21.86 12.55 -12.84
C SER B 379 -22.81 12.25 -11.67
N ARG B 380 -22.92 13.14 -10.65
CA ARG B 380 -23.86 12.95 -9.55
C ARG B 380 -25.27 12.77 -10.11
N GLY B 381 -26.03 11.81 -9.52
CA GLY B 381 -27.46 11.72 -9.76
C GLY B 381 -28.23 11.71 -8.45
N ASP B 382 -29.53 11.35 -8.56
CA ASP B 382 -30.41 11.16 -7.39
C ASP B 382 -30.19 9.78 -6.79
N ASP B 383 -29.50 8.92 -7.51
CA ASP B 383 -29.15 7.58 -7.06
C ASP B 383 -27.89 7.56 -6.18
N TYR B 384 -26.78 8.23 -6.59
CA TYR B 384 -25.52 8.25 -5.88
C TYR B 384 -24.70 9.40 -6.47
#